data_1C4L
# 
_entry.id   1C4L 
# 
_audit_conform.dict_name       mmcif_pdbx.dic 
_audit_conform.dict_version    5.383 
_audit_conform.dict_location   http://mmcif.pdb.org/dictionaries/ascii/mmcif_pdbx.dic 
# 
loop_
_database_2.database_id 
_database_2.database_code 
_database_2.pdbx_database_accession 
_database_2.pdbx_DOI 
PDB   1C4L         pdb_00001c4l 10.2210/pdb1c4l/pdb 
RCSB  RCSB001298   ?            ?                   
WWPDB D_1000001298 ?            ?                   
# 
loop_
_pdbx_audit_revision_history.ordinal 
_pdbx_audit_revision_history.data_content_type 
_pdbx_audit_revision_history.major_revision 
_pdbx_audit_revision_history.minor_revision 
_pdbx_audit_revision_history.revision_date 
1 'Structure model' 1 0 2000-08-09 
2 'Structure model' 1 1 2008-04-26 
3 'Structure model' 1 2 2011-07-13 
4 'Structure model' 1 3 2022-02-16 
5 'Structure model' 1 4 2023-12-27 
# 
_pdbx_audit_revision_details.ordinal             1 
_pdbx_audit_revision_details.revision_ordinal    1 
_pdbx_audit_revision_details.data_content_type   'Structure model' 
_pdbx_audit_revision_details.provider            repository 
_pdbx_audit_revision_details.type                'Initial release' 
_pdbx_audit_revision_details.description         ? 
_pdbx_audit_revision_details.details             ? 
# 
loop_
_pdbx_audit_revision_group.ordinal 
_pdbx_audit_revision_group.revision_ordinal 
_pdbx_audit_revision_group.data_content_type 
_pdbx_audit_revision_group.group 
1 2 'Structure model' 'Version format compliance' 
2 3 'Structure model' 'Version format compliance' 
3 4 'Structure model' 'Database references'       
4 4 'Structure model' 'Derived calculations'      
5 5 'Structure model' 'Data collection'           
# 
loop_
_pdbx_audit_revision_category.ordinal 
_pdbx_audit_revision_category.revision_ordinal 
_pdbx_audit_revision_category.data_content_type 
_pdbx_audit_revision_category.category 
1 4 'Structure model' database_2            
2 4 'Structure model' pdbx_struct_assembly  
3 4 'Structure model' pdbx_struct_oper_list 
4 5 'Structure model' chem_comp_atom        
5 5 'Structure model' chem_comp_bond        
# 
loop_
_pdbx_audit_revision_item.ordinal 
_pdbx_audit_revision_item.revision_ordinal 
_pdbx_audit_revision_item.data_content_type 
_pdbx_audit_revision_item.item 
1 4 'Structure model' '_database_2.pdbx_DOI'                
2 4 'Structure model' '_database_2.pdbx_database_accession' 
# 
_pdbx_database_status.status_code                     REL 
_pdbx_database_status.entry_id                        1C4L 
_pdbx_database_status.recvd_initial_deposition_date   1999-08-30 
_pdbx_database_status.deposit_site                    RCSB 
_pdbx_database_status.process_site                    RCSB 
_pdbx_database_status.SG_entry                        . 
_pdbx_database_status.pdb_format_compatible           Y 
_pdbx_database_status.status_code_mr                  ? 
_pdbx_database_status.status_code_sf                  ? 
_pdbx_database_status.status_code_cs                  ? 
_pdbx_database_status.status_code_nmr_data            ? 
_pdbx_database_status.methods_development_category    ? 
# 
loop_
_audit_author.name 
_audit_author.pdbx_ordinal 
'Tanaka, Y.'    1  
'Kojima, C.'    2  
'Yamazaki, T.'  3  
'Kodama, T.S.'  4  
'Yasuno, K.'    5  
'Miyashita, S.' 6  
'Ono, A.M.'     7  
'Ono, A.S.'     8  
'Kainosho, M.'  9  
'Kyogoku, Y.'   10 
# 
loop_
_citation.id 
_citation.title 
_citation.journal_abbrev 
_citation.journal_volume 
_citation.page_first 
_citation.page_last 
_citation.year 
_citation.journal_id_ASTM 
_citation.country 
_citation.journal_id_ISSN 
_citation.journal_id_CSD 
_citation.book_publisher 
_citation.pdbx_database_id_PubMed 
_citation.pdbx_database_id_DOI 
primary 'Solution structure of an RNA duplex including a C-U base pair.'                                                 
Biochemistry              39 7074 7080 2000 BICHAW US 0006-2960 0033 ? 10852704 10.1021/bi000018m 
1       'Structure model and physicochemical properties of the C-U mismatch pair in the double stranded RNA in solution' 
'Nucleic Acids Symp.Ser.' 37 271  272  1997 NACSD8 UK 0261-3166 0559 ? ?        ?                 
# 
loop_
_citation_author.citation_id 
_citation_author.name 
_citation_author.ordinal 
_citation_author.identifier_ORCID 
primary 'Tanaka, Y.'    1  ? 
primary 'Kojima, C.'    2  ? 
primary 'Yamazaki, T.'  3  ? 
primary 'Kodama, T.S.'  4  ? 
primary 'Yasuno, K.'    5  ? 
primary 'Miyashita, S.' 6  ? 
primary 'Ono, A.'       7  ? 
primary 'Ono, A.'       8  ? 
primary 'Kainosho, M.'  9  ? 
primary 'Kyogoku, Y.'   10 ? 
1       'Tanaka, Y.'    11 ? 
1       'Kojima, C.'    12 ? 
1       'Yamazaki, T.'  13 ? 
1       'Kyogoku, Y.'   14 ? 
1       'Miyashita, S.' 15 ? 
1       'Ono, A.S.'     16 ? 
1       'Kainosho, M.'  17 ? 
# 
loop_
_entity.id 
_entity.type 
_entity.src_method 
_entity.pdbx_description 
_entity.formula_weight 
_entity.pdbx_number_of_molecules 
_entity.pdbx_ec 
_entity.pdbx_mutation 
_entity.pdbx_fragment 
_entity.details 
1 polymer syn 
;RNA (5'-R(*CP*GP*AP*CP*UP*CP*AP*GP*G)-3')
;
2870.783 1 ? ? ? ? 
2 polymer syn 
;RNA (5'-R(*CP*CP*UP*GP*CP*GP*UP*CP*G)-3')
;
2823.719 1 ? ? ? ? 
# 
loop_
_entity_poly.entity_id 
_entity_poly.type 
_entity_poly.nstd_linkage 
_entity_poly.nstd_monomer 
_entity_poly.pdbx_seq_one_letter_code 
_entity_poly.pdbx_seq_one_letter_code_can 
_entity_poly.pdbx_strand_id 
_entity_poly.pdbx_target_identifier 
1 polyribonucleotide no no CGACUCAGG CGACUCAGG A ? 
2 polyribonucleotide no no CCUGCGUCG CCUGCGUCG B ? 
# 
loop_
_entity_poly_seq.entity_id 
_entity_poly_seq.num 
_entity_poly_seq.mon_id 
_entity_poly_seq.hetero 
1 1 C n 
1 2 G n 
1 3 A n 
1 4 C n 
1 5 U n 
1 6 C n 
1 7 A n 
1 8 G n 
1 9 G n 
2 1 C n 
2 2 C n 
2 3 U n 
2 4 G n 
2 5 C n 
2 6 G n 
2 7 U n 
2 8 C n 
2 9 G n 
# 
loop_
_pdbx_entity_src_syn.entity_id 
_pdbx_entity_src_syn.pdbx_src_id 
_pdbx_entity_src_syn.pdbx_alt_source_flag 
_pdbx_entity_src_syn.pdbx_beg_seq_num 
_pdbx_entity_src_syn.pdbx_end_seq_num 
_pdbx_entity_src_syn.organism_scientific 
_pdbx_entity_src_syn.organism_common_name 
_pdbx_entity_src_syn.ncbi_taxonomy_id 
_pdbx_entity_src_syn.details 
1 1 sample ? ? ? ? ? 'THIS OLIGONUCLEOTIDE WAS CHEMICALLY SYNTHESIZED (PHOSPHORAMIDITE METHOD).' 
2 1 sample ? ? ? ? ? 'THIS OLIGONUCLEOTIDE WAS CHEMICALLY SYNTHESIZED (PHOSPHORAMIDITE METHOD).' 
# 
loop_
_chem_comp.id 
_chem_comp.type 
_chem_comp.mon_nstd_flag 
_chem_comp.name 
_chem_comp.pdbx_synonyms 
_chem_comp.formula 
_chem_comp.formula_weight 
A 'RNA linking' y "ADENOSINE-5'-MONOPHOSPHATE" ? 'C10 H14 N5 O7 P' 347.221 
C 'RNA linking' y "CYTIDINE-5'-MONOPHOSPHATE"  ? 'C9 H14 N3 O8 P'  323.197 
G 'RNA linking' y "GUANOSINE-5'-MONOPHOSPHATE" ? 'C10 H14 N5 O8 P' 363.221 
U 'RNA linking' y "URIDINE-5'-MONOPHOSPHATE"   ? 'C9 H13 N2 O9 P'  324.181 
# 
loop_
_pdbx_poly_seq_scheme.asym_id 
_pdbx_poly_seq_scheme.entity_id 
_pdbx_poly_seq_scheme.seq_id 
_pdbx_poly_seq_scheme.mon_id 
_pdbx_poly_seq_scheme.ndb_seq_num 
_pdbx_poly_seq_scheme.pdb_seq_num 
_pdbx_poly_seq_scheme.auth_seq_num 
_pdbx_poly_seq_scheme.pdb_mon_id 
_pdbx_poly_seq_scheme.auth_mon_id 
_pdbx_poly_seq_scheme.pdb_strand_id 
_pdbx_poly_seq_scheme.pdb_ins_code 
_pdbx_poly_seq_scheme.hetero 
A 1 1 C 1 1  1  C C A . n 
A 1 2 G 2 2  2  G G A . n 
A 1 3 A 3 3  3  A A A . n 
A 1 4 C 4 4  4  C C A . n 
A 1 5 U 5 5  5  U U A . n 
A 1 6 C 6 6  6  C C A . n 
A 1 7 A 7 7  7  A A A . n 
A 1 8 G 8 8  8  G G A . n 
A 1 9 G 9 9  9  G G A . n 
B 2 1 C 1 10 10 C C B . n 
B 2 2 C 2 11 11 C C B . n 
B 2 3 U 3 12 12 U U B . n 
B 2 4 G 4 13 13 G G B . n 
B 2 5 C 5 14 14 C C B . n 
B 2 6 G 6 15 15 G G B . n 
B 2 7 U 7 16 16 U U B . n 
B 2 8 C 8 17 17 C C B . n 
B 2 9 G 9 18 18 G G B . n 
# 
_cell.entry_id           1C4L 
_cell.length_a           1.000 
_cell.length_b           1.000 
_cell.length_c           1.000 
_cell.angle_alpha        90.00 
_cell.angle_beta         90.00 
_cell.angle_gamma        90.00 
_cell.Z_PDB              1 
_cell.pdbx_unique_axis   ? 
# 
_symmetry.entry_id                         1C4L 
_symmetry.space_group_name_H-M             'P 1' 
_symmetry.pdbx_full_space_group_name_H-M   ? 
_symmetry.cell_setting                     ? 
_symmetry.Int_Tables_number                1 
# 
_exptl.entry_id          1C4L 
_exptl.method            'SOLUTION NMR' 
_exptl.crystals_number   ? 
# 
_struct.entry_id                  1C4L 
_struct.title                     'SOLUTION STRUCTURE OF AN RNA DUPLEX INCLUDING A C-U BASE-PAIR' 
_struct.pdbx_model_details        ? 
_struct.pdbx_CASP_flag            ? 
_struct.pdbx_model_type_details   'minimized average' 
# 
_struct_keywords.entry_id        1C4L 
_struct_keywords.pdbx_keywords   RNA 
_struct_keywords.text            'C-U base pair, RNA' 
# 
loop_
_struct_asym.id 
_struct_asym.pdbx_blank_PDB_chainid_flag 
_struct_asym.pdbx_modified 
_struct_asym.entity_id 
_struct_asym.details 
A N N 1 ? 
B N N 2 ? 
# 
loop_
_struct_ref.id 
_struct_ref.entity_id 
_struct_ref.db_name 
_struct_ref.db_code 
_struct_ref.pdbx_db_accession 
_struct_ref.pdbx_db_isoform 
_struct_ref.pdbx_seq_one_letter_code 
_struct_ref.pdbx_align_begin 
1 1 PDB 1C4L 1C4L ? ? ? 
2 2 PDB 1C4L 1C4L ? ? ? 
# 
loop_
_struct_ref_seq.align_id 
_struct_ref_seq.ref_id 
_struct_ref_seq.pdbx_PDB_id_code 
_struct_ref_seq.pdbx_strand_id 
_struct_ref_seq.seq_align_beg 
_struct_ref_seq.pdbx_seq_align_beg_ins_code 
_struct_ref_seq.seq_align_end 
_struct_ref_seq.pdbx_seq_align_end_ins_code 
_struct_ref_seq.pdbx_db_accession 
_struct_ref_seq.db_align_beg 
_struct_ref_seq.pdbx_db_align_beg_ins_code 
_struct_ref_seq.db_align_end 
_struct_ref_seq.pdbx_db_align_end_ins_code 
_struct_ref_seq.pdbx_auth_seq_align_beg 
_struct_ref_seq.pdbx_auth_seq_align_end 
1 1 1C4L A 1 ? 9 ? 1C4L 1  ? 9  ? 1  9  
2 2 1C4L B 1 ? 9 ? 1C4L 10 ? 18 ? 10 18 
# 
_pdbx_struct_assembly.id                   1 
_pdbx_struct_assembly.details              author_defined_assembly 
_pdbx_struct_assembly.method_details       ? 
_pdbx_struct_assembly.oligomeric_details   dimeric 
_pdbx_struct_assembly.oligomeric_count     2 
# 
_pdbx_struct_assembly_gen.assembly_id       1 
_pdbx_struct_assembly_gen.oper_expression   1 
_pdbx_struct_assembly_gen.asym_id_list      A,B 
# 
_pdbx_struct_oper_list.id                   1 
_pdbx_struct_oper_list.type                 'identity operation' 
_pdbx_struct_oper_list.name                 1_555 
_pdbx_struct_oper_list.symmetry_operation   x,y,z 
_pdbx_struct_oper_list.matrix[1][1]         1.0000000000 
_pdbx_struct_oper_list.matrix[1][2]         0.0000000000 
_pdbx_struct_oper_list.matrix[1][3]         0.0000000000 
_pdbx_struct_oper_list.vector[1]            0.0000000000 
_pdbx_struct_oper_list.matrix[2][1]         0.0000000000 
_pdbx_struct_oper_list.matrix[2][2]         1.0000000000 
_pdbx_struct_oper_list.matrix[2][3]         0.0000000000 
_pdbx_struct_oper_list.vector[2]            0.0000000000 
_pdbx_struct_oper_list.matrix[3][1]         0.0000000000 
_pdbx_struct_oper_list.matrix[3][2]         0.0000000000 
_pdbx_struct_oper_list.matrix[3][3]         1.0000000000 
_pdbx_struct_oper_list.vector[3]            0.0000000000 
# 
_struct_biol.id   1 
# 
loop_
_struct_conn.id 
_struct_conn.conn_type_id 
_struct_conn.pdbx_leaving_atom_flag 
_struct_conn.pdbx_PDB_id 
_struct_conn.ptnr1_label_asym_id 
_struct_conn.ptnr1_label_comp_id 
_struct_conn.ptnr1_label_seq_id 
_struct_conn.ptnr1_label_atom_id 
_struct_conn.pdbx_ptnr1_label_alt_id 
_struct_conn.pdbx_ptnr1_PDB_ins_code 
_struct_conn.pdbx_ptnr1_standard_comp_id 
_struct_conn.ptnr1_symmetry 
_struct_conn.ptnr2_label_asym_id 
_struct_conn.ptnr2_label_comp_id 
_struct_conn.ptnr2_label_seq_id 
_struct_conn.ptnr2_label_atom_id 
_struct_conn.pdbx_ptnr2_label_alt_id 
_struct_conn.pdbx_ptnr2_PDB_ins_code 
_struct_conn.ptnr1_auth_asym_id 
_struct_conn.ptnr1_auth_comp_id 
_struct_conn.ptnr1_auth_seq_id 
_struct_conn.ptnr2_auth_asym_id 
_struct_conn.ptnr2_auth_comp_id 
_struct_conn.ptnr2_auth_seq_id 
_struct_conn.ptnr2_symmetry 
_struct_conn.pdbx_ptnr3_label_atom_id 
_struct_conn.pdbx_ptnr3_label_seq_id 
_struct_conn.pdbx_ptnr3_label_comp_id 
_struct_conn.pdbx_ptnr3_label_asym_id 
_struct_conn.pdbx_ptnr3_label_alt_id 
_struct_conn.pdbx_ptnr3_PDB_ins_code 
_struct_conn.details 
_struct_conn.pdbx_dist_value 
_struct_conn.pdbx_value_order 
_struct_conn.pdbx_role 
hydrog1  hydrog ? ? A C 1 N3 ? ? ? 1_555 B G 9 N1 ? ? A C 1 B G 18 1_555 ? ? ? ? ? ? WATSON-CRICK  ? ? ? 
hydrog2  hydrog ? ? A C 1 N4 ? ? ? 1_555 B G 9 O6 ? ? A C 1 B G 18 1_555 ? ? ? ? ? ? WATSON-CRICK  ? ? ? 
hydrog3  hydrog ? ? A C 1 O2 ? ? ? 1_555 B G 9 N2 ? ? A C 1 B G 18 1_555 ? ? ? ? ? ? WATSON-CRICK  ? ? ? 
hydrog4  hydrog ? ? A G 2 N1 ? ? ? 1_555 B C 8 N3 ? ? A G 2 B C 17 1_555 ? ? ? ? ? ? WATSON-CRICK  ? ? ? 
hydrog5  hydrog ? ? A G 2 N2 ? ? ? 1_555 B C 8 O2 ? ? A G 2 B C 17 1_555 ? ? ? ? ? ? WATSON-CRICK  ? ? ? 
hydrog6  hydrog ? ? A G 2 O6 ? ? ? 1_555 B C 8 N4 ? ? A G 2 B C 17 1_555 ? ? ? ? ? ? WATSON-CRICK  ? ? ? 
hydrog7  hydrog ? ? A A 3 N1 ? ? ? 1_555 B U 7 N3 ? ? A A 3 B U 16 1_555 ? ? ? ? ? ? WATSON-CRICK  ? ? ? 
hydrog8  hydrog ? ? A A 3 N6 ? ? ? 1_555 B U 7 O4 ? ? A A 3 B U 16 1_555 ? ? ? ? ? ? WATSON-CRICK  ? ? ? 
hydrog9  hydrog ? ? A C 4 N3 ? ? ? 1_555 B G 6 N1 ? ? A C 4 B G 15 1_555 ? ? ? ? ? ? WATSON-CRICK  ? ? ? 
hydrog10 hydrog ? ? A C 4 N4 ? ? ? 1_555 B G 6 O6 ? ? A C 4 B G 15 1_555 ? ? ? ? ? ? WATSON-CRICK  ? ? ? 
hydrog11 hydrog ? ? A C 4 O2 ? ? ? 1_555 B G 6 N2 ? ? A C 4 B G 15 1_555 ? ? ? ? ? ? WATSON-CRICK  ? ? ? 
hydrog12 hydrog ? ? A U 5 O4 ? ? ? 1_555 B C 5 N4 ? ? A U 5 B C 14 1_555 ? ? ? ? ? ? 'U-C MISPAIR' ? ? ? 
hydrog13 hydrog ? ? A C 6 N3 ? ? ? 1_555 B G 4 N1 ? ? A C 6 B G 13 1_555 ? ? ? ? ? ? WATSON-CRICK  ? ? ? 
hydrog14 hydrog ? ? A C 6 N4 ? ? ? 1_555 B G 4 O6 ? ? A C 6 B G 13 1_555 ? ? ? ? ? ? WATSON-CRICK  ? ? ? 
hydrog15 hydrog ? ? A C 6 O2 ? ? ? 1_555 B G 4 N2 ? ? A C 6 B G 13 1_555 ? ? ? ? ? ? WATSON-CRICK  ? ? ? 
hydrog16 hydrog ? ? A A 7 N1 ? ? ? 1_555 B U 3 N3 ? ? A A 7 B U 12 1_555 ? ? ? ? ? ? WATSON-CRICK  ? ? ? 
hydrog17 hydrog ? ? A A 7 N6 ? ? ? 1_555 B U 3 O4 ? ? A A 7 B U 12 1_555 ? ? ? ? ? ? WATSON-CRICK  ? ? ? 
hydrog18 hydrog ? ? A G 8 N1 ? ? ? 1_555 B C 2 N3 ? ? A G 8 B C 11 1_555 ? ? ? ? ? ? WATSON-CRICK  ? ? ? 
hydrog19 hydrog ? ? A G 8 N2 ? ? ? 1_555 B C 2 O2 ? ? A G 8 B C 11 1_555 ? ? ? ? ? ? WATSON-CRICK  ? ? ? 
hydrog20 hydrog ? ? A G 8 O6 ? ? ? 1_555 B C 2 N4 ? ? A G 8 B C 11 1_555 ? ? ? ? ? ? WATSON-CRICK  ? ? ? 
hydrog21 hydrog ? ? A G 9 N1 ? ? ? 1_555 B C 1 N3 ? ? A G 9 B C 10 1_555 ? ? ? ? ? ? WATSON-CRICK  ? ? ? 
hydrog22 hydrog ? ? A G 9 N2 ? ? ? 1_555 B C 1 O2 ? ? A G 9 B C 10 1_555 ? ? ? ? ? ? WATSON-CRICK  ? ? ? 
hydrog23 hydrog ? ? A G 9 O6 ? ? ? 1_555 B C 1 N4 ? ? A G 9 B C 10 1_555 ? ? ? ? ? ? WATSON-CRICK  ? ? ? 
# 
_struct_conn_type.id          hydrog 
_struct_conn_type.criteria    ? 
_struct_conn_type.reference   ? 
# 
loop_
_pdbx_validate_rmsd_angle.id 
_pdbx_validate_rmsd_angle.PDB_model_num 
_pdbx_validate_rmsd_angle.auth_atom_id_1 
_pdbx_validate_rmsd_angle.auth_asym_id_1 
_pdbx_validate_rmsd_angle.auth_comp_id_1 
_pdbx_validate_rmsd_angle.auth_seq_id_1 
_pdbx_validate_rmsd_angle.PDB_ins_code_1 
_pdbx_validate_rmsd_angle.label_alt_id_1 
_pdbx_validate_rmsd_angle.auth_atom_id_2 
_pdbx_validate_rmsd_angle.auth_asym_id_2 
_pdbx_validate_rmsd_angle.auth_comp_id_2 
_pdbx_validate_rmsd_angle.auth_seq_id_2 
_pdbx_validate_rmsd_angle.PDB_ins_code_2 
_pdbx_validate_rmsd_angle.label_alt_id_2 
_pdbx_validate_rmsd_angle.auth_atom_id_3 
_pdbx_validate_rmsd_angle.auth_asym_id_3 
_pdbx_validate_rmsd_angle.auth_comp_id_3 
_pdbx_validate_rmsd_angle.auth_seq_id_3 
_pdbx_validate_rmsd_angle.PDB_ins_code_3 
_pdbx_validate_rmsd_angle.label_alt_id_3 
_pdbx_validate_rmsd_angle.angle_value 
_pdbx_validate_rmsd_angle.angle_target_value 
_pdbx_validate_rmsd_angle.angle_deviation 
_pdbx_validate_rmsd_angle.angle_standard_deviation 
_pdbx_validate_rmsd_angle.linker_flag 
1  1 N7 A G 2  ? ? C8 A G 2  ? ? N9 A G 2  ? ? 117.31 113.10 4.21  0.50 N 
2  1 C8 A G 2  ? ? N9 A G 2  ? ? C4 A G 2  ? ? 103.73 106.40 -2.67 0.40 N 
3  1 N7 A A 3  ? ? C8 A A 3  ? ? N9 A A 3  ? ? 117.39 113.80 3.59  0.50 N 
4  1 N7 A A 7  ? ? C8 A A 7  ? ? N9 A A 7  ? ? 117.55 113.80 3.75  0.50 N 
5  1 C8 A A 7  ? ? N9 A A 7  ? ? C4 A A 7  ? ? 103.34 105.80 -2.46 0.40 N 
6  1 N7 A G 8  ? ? C8 A G 8  ? ? N9 A G 8  ? ? 117.53 113.10 4.43  0.50 N 
7  1 C8 A G 8  ? ? N9 A G 8  ? ? C4 A G 8  ? ? 103.50 106.40 -2.90 0.40 N 
8  1 N7 A G 9  ? ? C8 A G 9  ? ? N9 A G 9  ? ? 117.50 113.10 4.40  0.50 N 
9  1 C8 A G 9  ? ? N9 A G 9  ? ? C4 A G 9  ? ? 103.48 106.40 -2.92 0.40 N 
10 1 N7 B G 13 ? ? C8 B G 13 ? ? N9 B G 13 ? ? 117.45 113.10 4.35  0.50 N 
11 1 C8 B G 13 ? ? N9 B G 13 ? ? C4 B G 13 ? ? 103.89 106.40 -2.51 0.40 N 
12 1 N7 B G 15 ? ? C8 B G 15 ? ? N9 B G 15 ? ? 117.16 113.10 4.06  0.50 N 
13 1 C8 B G 15 ? ? N9 B G 15 ? ? C4 B G 15 ? ? 103.75 106.40 -2.65 0.40 N 
14 1 N7 B G 18 ? ? C8 B G 18 ? ? N9 B G 18 ? ? 117.60 113.10 4.50  0.50 N 
15 1 C8 B G 18 ? ? N9 B G 18 ? ? C4 B G 18 ? ? 103.62 106.40 -2.78 0.40 N 
# 
_pdbx_nmr_ensemble.entry_id                                      1C4L 
_pdbx_nmr_ensemble.conformers_calculated_total_number            50 
_pdbx_nmr_ensemble.conformers_submitted_total_number             1 
_pdbx_nmr_ensemble.conformer_selection_criteria                  
;SUMMATION OF TOTAL ENERGY (COVALENT GEOMETRY, NON-BOND ENERGY, DISTANCE AND 
DIHEDRAL ANGLE CONSTRAINTS)
;
_pdbx_nmr_ensemble.average_constraints_per_residue               ? 
_pdbx_nmr_ensemble.average_constraint_violations_per_residue     ? 
_pdbx_nmr_ensemble.maximum_distance_constraint_violation         ? 
_pdbx_nmr_ensemble.average_distance_constraint_violation         ? 
_pdbx_nmr_ensemble.maximum_upper_distance_constraint_violation   ? 
_pdbx_nmr_ensemble.maximum_lower_distance_constraint_violation   ? 
_pdbx_nmr_ensemble.distance_constraint_violation_method          ? 
_pdbx_nmr_ensemble.maximum_torsion_angle_constraint_violation    ? 
_pdbx_nmr_ensemble.average_torsion_angle_constraint_violation    ? 
_pdbx_nmr_ensemble.torsion_angle_constraint_violation_method     ? 
# 
_pdbx_nmr_representative.entry_id             1C4L 
_pdbx_nmr_representative.conformer_id         1 
_pdbx_nmr_representative.selection_criteria   'minimized average structure' 
# 
loop_
_pdbx_nmr_sample_details.solution_id 
_pdbx_nmr_sample_details.contents 
_pdbx_nmr_sample_details.solvent_system 
1 
;R[CGACUCAGG]_R[CCUG(15N4)CGUCG] (AMINO-NITROGEN OF CYTIDINE IS POINT-LABELED (>
 95%))
;
? 
2 
;R[CGACUCAGG]_R[CCUG(15N4)CGUCG] (AMINO-NITROGEN OF CYTIDINE IS POINT-LABELED (>
 95%))
;
? 
# 
loop_
_pdbx_nmr_exptl_sample_conditions.conditions_id 
_pdbx_nmr_exptl_sample_conditions.temperature 
_pdbx_nmr_exptl_sample_conditions.pressure 
_pdbx_nmr_exptl_sample_conditions.pH 
_pdbx_nmr_exptl_sample_conditions.ionic_strength 
_pdbx_nmr_exptl_sample_conditions.pressure_units 
_pdbx_nmr_exptl_sample_conditions.temperature_units 
1 300 1 7.0 '50mM(NACL)' atm K 
2 278 1 7.0 '50mM(NACL)' atm K 
# 
loop_
_pdbx_nmr_exptl.experiment_id 
_pdbx_nmr_exptl.conditions_id 
_pdbx_nmr_exptl.type 
_pdbx_nmr_exptl.solution_id 
1 1 2D_1H_NOESY 1 
2 1 2D_1H_NOESY 2 
3 2 2D_1H_NOESY 1 
4 1 2D_PCOSY    2 
# 
_pdbx_nmr_details.entry_id   1C4L 
_pdbx_nmr_details.text       'THIS STRUCTURE WAS DETERMINED USING STANDARD 2D HOMONUCLEAR TECHNIQUES' 
# 
_pdbx_nmr_refine.entry_id           1C4L 
_pdbx_nmr_refine.method             'simulated annealing' 
_pdbx_nmr_refine.details            
;DISTANCE CONSTRAINTS (NOE 433, HYDROGEN BOND (BASE-PAIR) 54), DIHEDRAL ANGLE 
CONSTRAINTS 45
;
_pdbx_nmr_refine.software_ordinal   1 
# 
loop_
_pdbx_nmr_software.classification 
_pdbx_nmr_software.name 
_pdbx_nmr_software.version 
_pdbx_nmr_software.authors 
_pdbx_nmr_software.ordinal 
refinement           X-PLOR 3.851 BRUNGER 1 
refinement           X-PLOR 3.8.1 BRUNGER 2 
'structure solution' X-PLOR 3.851 BRUNGER 3 
'structure solution' X-PLOR 3.8.1 BRUNGER 4 
# 
loop_
_chem_comp_atom.comp_id 
_chem_comp_atom.atom_id 
_chem_comp_atom.type_symbol 
_chem_comp_atom.pdbx_aromatic_flag 
_chem_comp_atom.pdbx_stereo_config 
_chem_comp_atom.pdbx_ordinal 
A OP3    O N N 1   
A P      P N N 2   
A OP1    O N N 3   
A OP2    O N N 4   
A "O5'"  O N N 5   
A "C5'"  C N N 6   
A "C4'"  C N R 7   
A "O4'"  O N N 8   
A "C3'"  C N S 9   
A "O3'"  O N N 10  
A "C2'"  C N R 11  
A "O2'"  O N N 12  
A "C1'"  C N R 13  
A N9     N Y N 14  
A C8     C Y N 15  
A N7     N Y N 16  
A C5     C Y N 17  
A C6     C Y N 18  
A N6     N N N 19  
A N1     N Y N 20  
A C2     C Y N 21  
A N3     N Y N 22  
A C4     C Y N 23  
A HOP3   H N N 24  
A HOP2   H N N 25  
A "H5'"  H N N 26  
A "H5''" H N N 27  
A "H4'"  H N N 28  
A "H3'"  H N N 29  
A "HO3'" H N N 30  
A "H2'"  H N N 31  
A "HO2'" H N N 32  
A "H1'"  H N N 33  
A H8     H N N 34  
A H61    H N N 35  
A H62    H N N 36  
A H2     H N N 37  
C OP3    O N N 38  
C P      P N N 39  
C OP1    O N N 40  
C OP2    O N N 41  
C "O5'"  O N N 42  
C "C5'"  C N N 43  
C "C4'"  C N R 44  
C "O4'"  O N N 45  
C "C3'"  C N S 46  
C "O3'"  O N N 47  
C "C2'"  C N R 48  
C "O2'"  O N N 49  
C "C1'"  C N R 50  
C N1     N N N 51  
C C2     C N N 52  
C O2     O N N 53  
C N3     N N N 54  
C C4     C N N 55  
C N4     N N N 56  
C C5     C N N 57  
C C6     C N N 58  
C HOP3   H N N 59  
C HOP2   H N N 60  
C "H5'"  H N N 61  
C "H5''" H N N 62  
C "H4'"  H N N 63  
C "H3'"  H N N 64  
C "HO3'" H N N 65  
C "H2'"  H N N 66  
C "HO2'" H N N 67  
C "H1'"  H N N 68  
C H41    H N N 69  
C H42    H N N 70  
C H5     H N N 71  
C H6     H N N 72  
G OP3    O N N 73  
G P      P N N 74  
G OP1    O N N 75  
G OP2    O N N 76  
G "O5'"  O N N 77  
G "C5'"  C N N 78  
G "C4'"  C N R 79  
G "O4'"  O N N 80  
G "C3'"  C N S 81  
G "O3'"  O N N 82  
G "C2'"  C N R 83  
G "O2'"  O N N 84  
G "C1'"  C N R 85  
G N9     N Y N 86  
G C8     C Y N 87  
G N7     N Y N 88  
G C5     C Y N 89  
G C6     C N N 90  
G O6     O N N 91  
G N1     N N N 92  
G C2     C N N 93  
G N2     N N N 94  
G N3     N N N 95  
G C4     C Y N 96  
G HOP3   H N N 97  
G HOP2   H N N 98  
G "H5'"  H N N 99  
G "H5''" H N N 100 
G "H4'"  H N N 101 
G "H3'"  H N N 102 
G "HO3'" H N N 103 
G "H2'"  H N N 104 
G "HO2'" H N N 105 
G "H1'"  H N N 106 
G H8     H N N 107 
G H1     H N N 108 
G H21    H N N 109 
G H22    H N N 110 
U OP3    O N N 111 
U P      P N N 112 
U OP1    O N N 113 
U OP2    O N N 114 
U "O5'"  O N N 115 
U "C5'"  C N N 116 
U "C4'"  C N R 117 
U "O4'"  O N N 118 
U "C3'"  C N S 119 
U "O3'"  O N N 120 
U "C2'"  C N R 121 
U "O2'"  O N N 122 
U "C1'"  C N R 123 
U N1     N N N 124 
U C2     C N N 125 
U O2     O N N 126 
U N3     N N N 127 
U C4     C N N 128 
U O4     O N N 129 
U C5     C N N 130 
U C6     C N N 131 
U HOP3   H N N 132 
U HOP2   H N N 133 
U "H5'"  H N N 134 
U "H5''" H N N 135 
U "H4'"  H N N 136 
U "H3'"  H N N 137 
U "HO3'" H N N 138 
U "H2'"  H N N 139 
U "HO2'" H N N 140 
U "H1'"  H N N 141 
U H3     H N N 142 
U H5     H N N 143 
U H6     H N N 144 
# 
loop_
_chem_comp_bond.comp_id 
_chem_comp_bond.atom_id_1 
_chem_comp_bond.atom_id_2 
_chem_comp_bond.value_order 
_chem_comp_bond.pdbx_aromatic_flag 
_chem_comp_bond.pdbx_stereo_config 
_chem_comp_bond.pdbx_ordinal 
A OP3   P      sing N N 1   
A OP3   HOP3   sing N N 2   
A P     OP1    doub N N 3   
A P     OP2    sing N N 4   
A P     "O5'"  sing N N 5   
A OP2   HOP2   sing N N 6   
A "O5'" "C5'"  sing N N 7   
A "C5'" "C4'"  sing N N 8   
A "C5'" "H5'"  sing N N 9   
A "C5'" "H5''" sing N N 10  
A "C4'" "O4'"  sing N N 11  
A "C4'" "C3'"  sing N N 12  
A "C4'" "H4'"  sing N N 13  
A "O4'" "C1'"  sing N N 14  
A "C3'" "O3'"  sing N N 15  
A "C3'" "C2'"  sing N N 16  
A "C3'" "H3'"  sing N N 17  
A "O3'" "HO3'" sing N N 18  
A "C2'" "O2'"  sing N N 19  
A "C2'" "C1'"  sing N N 20  
A "C2'" "H2'"  sing N N 21  
A "O2'" "HO2'" sing N N 22  
A "C1'" N9     sing N N 23  
A "C1'" "H1'"  sing N N 24  
A N9    C8     sing Y N 25  
A N9    C4     sing Y N 26  
A C8    N7     doub Y N 27  
A C8    H8     sing N N 28  
A N7    C5     sing Y N 29  
A C5    C6     sing Y N 30  
A C5    C4     doub Y N 31  
A C6    N6     sing N N 32  
A C6    N1     doub Y N 33  
A N6    H61    sing N N 34  
A N6    H62    sing N N 35  
A N1    C2     sing Y N 36  
A C2    N3     doub Y N 37  
A C2    H2     sing N N 38  
A N3    C4     sing Y N 39  
C OP3   P      sing N N 40  
C OP3   HOP3   sing N N 41  
C P     OP1    doub N N 42  
C P     OP2    sing N N 43  
C P     "O5'"  sing N N 44  
C OP2   HOP2   sing N N 45  
C "O5'" "C5'"  sing N N 46  
C "C5'" "C4'"  sing N N 47  
C "C5'" "H5'"  sing N N 48  
C "C5'" "H5''" sing N N 49  
C "C4'" "O4'"  sing N N 50  
C "C4'" "C3'"  sing N N 51  
C "C4'" "H4'"  sing N N 52  
C "O4'" "C1'"  sing N N 53  
C "C3'" "O3'"  sing N N 54  
C "C3'" "C2'"  sing N N 55  
C "C3'" "H3'"  sing N N 56  
C "O3'" "HO3'" sing N N 57  
C "C2'" "O2'"  sing N N 58  
C "C2'" "C1'"  sing N N 59  
C "C2'" "H2'"  sing N N 60  
C "O2'" "HO2'" sing N N 61  
C "C1'" N1     sing N N 62  
C "C1'" "H1'"  sing N N 63  
C N1    C2     sing N N 64  
C N1    C6     sing N N 65  
C C2    O2     doub N N 66  
C C2    N3     sing N N 67  
C N3    C4     doub N N 68  
C C4    N4     sing N N 69  
C C4    C5     sing N N 70  
C N4    H41    sing N N 71  
C N4    H42    sing N N 72  
C C5    C6     doub N N 73  
C C5    H5     sing N N 74  
C C6    H6     sing N N 75  
G OP3   P      sing N N 76  
G OP3   HOP3   sing N N 77  
G P     OP1    doub N N 78  
G P     OP2    sing N N 79  
G P     "O5'"  sing N N 80  
G OP2   HOP2   sing N N 81  
G "O5'" "C5'"  sing N N 82  
G "C5'" "C4'"  sing N N 83  
G "C5'" "H5'"  sing N N 84  
G "C5'" "H5''" sing N N 85  
G "C4'" "O4'"  sing N N 86  
G "C4'" "C3'"  sing N N 87  
G "C4'" "H4'"  sing N N 88  
G "O4'" "C1'"  sing N N 89  
G "C3'" "O3'"  sing N N 90  
G "C3'" "C2'"  sing N N 91  
G "C3'" "H3'"  sing N N 92  
G "O3'" "HO3'" sing N N 93  
G "C2'" "O2'"  sing N N 94  
G "C2'" "C1'"  sing N N 95  
G "C2'" "H2'"  sing N N 96  
G "O2'" "HO2'" sing N N 97  
G "C1'" N9     sing N N 98  
G "C1'" "H1'"  sing N N 99  
G N9    C8     sing Y N 100 
G N9    C4     sing Y N 101 
G C8    N7     doub Y N 102 
G C8    H8     sing N N 103 
G N7    C5     sing Y N 104 
G C5    C6     sing N N 105 
G C5    C4     doub Y N 106 
G C6    O6     doub N N 107 
G C6    N1     sing N N 108 
G N1    C2     sing N N 109 
G N1    H1     sing N N 110 
G C2    N2     sing N N 111 
G C2    N3     doub N N 112 
G N2    H21    sing N N 113 
G N2    H22    sing N N 114 
G N3    C4     sing N N 115 
U OP3   P      sing N N 116 
U OP3   HOP3   sing N N 117 
U P     OP1    doub N N 118 
U P     OP2    sing N N 119 
U P     "O5'"  sing N N 120 
U OP2   HOP2   sing N N 121 
U "O5'" "C5'"  sing N N 122 
U "C5'" "C4'"  sing N N 123 
U "C5'" "H5'"  sing N N 124 
U "C5'" "H5''" sing N N 125 
U "C4'" "O4'"  sing N N 126 
U "C4'" "C3'"  sing N N 127 
U "C4'" "H4'"  sing N N 128 
U "O4'" "C1'"  sing N N 129 
U "C3'" "O3'"  sing N N 130 
U "C3'" "C2'"  sing N N 131 
U "C3'" "H3'"  sing N N 132 
U "O3'" "HO3'" sing N N 133 
U "C2'" "O2'"  sing N N 134 
U "C2'" "C1'"  sing N N 135 
U "C2'" "H2'"  sing N N 136 
U "O2'" "HO2'" sing N N 137 
U "C1'" N1     sing N N 138 
U "C1'" "H1'"  sing N N 139 
U N1    C2     sing N N 140 
U N1    C6     sing N N 141 
U C2    O2     doub N N 142 
U C2    N3     sing N N 143 
U N3    C4     sing N N 144 
U N3    H3     sing N N 145 
U C4    O4     doub N N 146 
U C4    C5     sing N N 147 
U C5    C6     doub N N 148 
U C5    H5     sing N N 149 
U C6    H6     sing N N 150 
# 
loop_
_ndb_struct_conf_na.entry_id 
_ndb_struct_conf_na.feature 
1C4L 'double helix'         
1C4L 'a-form double helix'  
1C4L 'mismatched base pair' 
# 
loop_
_ndb_struct_na_base_pair.model_number 
_ndb_struct_na_base_pair.i_label_asym_id 
_ndb_struct_na_base_pair.i_label_comp_id 
_ndb_struct_na_base_pair.i_label_seq_id 
_ndb_struct_na_base_pair.i_symmetry 
_ndb_struct_na_base_pair.j_label_asym_id 
_ndb_struct_na_base_pair.j_label_comp_id 
_ndb_struct_na_base_pair.j_label_seq_id 
_ndb_struct_na_base_pair.j_symmetry 
_ndb_struct_na_base_pair.shear 
_ndb_struct_na_base_pair.stretch 
_ndb_struct_na_base_pair.stagger 
_ndb_struct_na_base_pair.buckle 
_ndb_struct_na_base_pair.propeller 
_ndb_struct_na_base_pair.opening 
_ndb_struct_na_base_pair.pair_number 
_ndb_struct_na_base_pair.pair_name 
_ndb_struct_na_base_pair.i_auth_asym_id 
_ndb_struct_na_base_pair.i_auth_seq_id 
_ndb_struct_na_base_pair.i_PDB_ins_code 
_ndb_struct_na_base_pair.j_auth_asym_id 
_ndb_struct_na_base_pair.j_auth_seq_id 
_ndb_struct_na_base_pair.j_PDB_ins_code 
_ndb_struct_na_base_pair.hbond_type_28 
_ndb_struct_na_base_pair.hbond_type_12 
1 A C 1 1_555 B G 9 1_555 0.113  -0.025 -0.100 -2.444 -5.183  -1.861  1 A_C1:G18_B A 1 ? B 18 ? 19 1 
1 A G 2 1_555 B C 8 1_555 -0.034 -0.077 0.527  11.802 14.622  -1.396  2 A_G2:C17_B A 2 ? B 17 ? 19 1 
1 A A 3 1_555 B U 7 1_555 -0.086 0.015  -0.175 8.117  -7.207  1.292   3 A_A3:U16_B A 3 ? B 16 ? 20 1 
1 A C 4 1_555 B G 6 1_555 0.067  -0.029 0.009  11.119 -3.632  -3.720  4 A_C4:G15_B A 4 ? B 15 ? 19 1 
1 A U 5 1_555 B C 5 1_555 -1.581 0.044  -1.164 7.002  -6.511  -45.538 5 A_U5:C14_B A 5 ? B 14 ? ?  ? 
1 A C 6 1_555 B G 4 1_555 0.041  -0.150 -0.880 5.886  -11.564 0.990   6 A_C6:G13_B A 6 ? B 13 ? 19 1 
1 A A 7 1_555 B U 3 1_555 -0.110 -0.014 -0.402 -6.098 -6.886  0.788   7 A_A7:U12_B A 7 ? B 12 ? 20 1 
1 A G 8 1_555 B C 2 1_555 -0.104 -0.032 -0.249 -2.507 -4.955  -3.128  8 A_G8:C11_B A 8 ? B 11 ? 19 1 
1 A G 9 1_555 B C 1 1_555 -0.115 -0.027 -0.240 -2.199 -1.321  -2.085  9 A_G9:C10_B A 9 ? B 10 ? 19 1 
# 
loop_
_ndb_struct_na_base_pair_step.model_number 
_ndb_struct_na_base_pair_step.i_label_asym_id_1 
_ndb_struct_na_base_pair_step.i_label_comp_id_1 
_ndb_struct_na_base_pair_step.i_label_seq_id_1 
_ndb_struct_na_base_pair_step.i_symmetry_1 
_ndb_struct_na_base_pair_step.j_label_asym_id_1 
_ndb_struct_na_base_pair_step.j_label_comp_id_1 
_ndb_struct_na_base_pair_step.j_label_seq_id_1 
_ndb_struct_na_base_pair_step.j_symmetry_1 
_ndb_struct_na_base_pair_step.i_label_asym_id_2 
_ndb_struct_na_base_pair_step.i_label_comp_id_2 
_ndb_struct_na_base_pair_step.i_label_seq_id_2 
_ndb_struct_na_base_pair_step.i_symmetry_2 
_ndb_struct_na_base_pair_step.j_label_asym_id_2 
_ndb_struct_na_base_pair_step.j_label_comp_id_2 
_ndb_struct_na_base_pair_step.j_label_seq_id_2 
_ndb_struct_na_base_pair_step.j_symmetry_2 
_ndb_struct_na_base_pair_step.shift 
_ndb_struct_na_base_pair_step.slide 
_ndb_struct_na_base_pair_step.rise 
_ndb_struct_na_base_pair_step.tilt 
_ndb_struct_na_base_pair_step.roll 
_ndb_struct_na_base_pair_step.twist 
_ndb_struct_na_base_pair_step.x_displacement 
_ndb_struct_na_base_pair_step.y_displacement 
_ndb_struct_na_base_pair_step.helical_rise 
_ndb_struct_na_base_pair_step.inclination 
_ndb_struct_na_base_pair_step.tip 
_ndb_struct_na_base_pair_step.helical_twist 
_ndb_struct_na_base_pair_step.step_number 
_ndb_struct_na_base_pair_step.step_name 
_ndb_struct_na_base_pair_step.i_auth_asym_id_1 
_ndb_struct_na_base_pair_step.i_auth_seq_id_1 
_ndb_struct_na_base_pair_step.i_PDB_ins_code_1 
_ndb_struct_na_base_pair_step.j_auth_asym_id_1 
_ndb_struct_na_base_pair_step.j_auth_seq_id_1 
_ndb_struct_na_base_pair_step.j_PDB_ins_code_1 
_ndb_struct_na_base_pair_step.i_auth_asym_id_2 
_ndb_struct_na_base_pair_step.i_auth_seq_id_2 
_ndb_struct_na_base_pair_step.i_PDB_ins_code_2 
_ndb_struct_na_base_pair_step.j_auth_asym_id_2 
_ndb_struct_na_base_pair_step.j_auth_seq_id_2 
_ndb_struct_na_base_pair_step.j_PDB_ins_code_2 
1 A C 1 1_555 B G 9 1_555 A G 2 1_555 B C 8 1_555 0.440  -1.136 3.179 -4.825 3.806  28.097 -3.089 -1.902 2.889 7.722  9.790  
28.748 1 AA_C1G2:C17G18_BB A 1 ? B 18 ? A 2 ? B 17 ? 
1 A G 2 1_555 B C 8 1_555 A A 3 1_555 B U 7 1_555 0.403  -1.602 3.521 5.947  14.658 34.038 -4.411 0.149  2.665 23.528 -9.546 
37.435 2 AA_G2A3:U16C17_BB A 2 ? B 17 ? A 3 ? B 16 ? 
1 A A 3 1_555 B U 7 1_555 A C 4 1_555 B G 6 1_555 -0.464 -2.034 3.290 -2.335 6.699  22.913 -6.907 0.416  2.630 16.366 5.706  
23.972 3 AA_A3C4:G15U16_BB A 3 ? B 16 ? A 4 ? B 15 ? 
1 A C 4 1_555 B G 6 1_555 A U 5 1_555 B C 5 1_555 -1.979 -1.665 3.658 3.767  18.691 18.050 -8.036 5.246  1.072 46.029 -9.278 
26.198 4 AA_C4U5:C14G15_BB A 4 ? B 15 ? A 5 ? B 14 ? 
1 A U 5 1_555 B C 5 1_555 A C 6 1_555 B G 4 1_555 2.080  -1.680 3.443 -3.098 3.492  38.677 -2.945 -3.498 3.116 5.249  4.657  
38.947 5 AA_U5C6:G13C14_BB A 5 ? B 14 ? A 6 ? B 13 ? 
1 A C 6 1_555 B G 4 1_555 A A 7 1_555 B U 3 1_555 -0.255 -0.704 3.984 -2.435 17.442 31.127 -4.122 0.001  3.173 29.713 4.148  
35.656 6 AA_C6A7:U12G13_BB A 6 ? B 13 ? A 7 ? B 12 ? 
1 A A 7 1_555 B U 3 1_555 A G 8 1_555 B C 2 1_555 0.015  -1.308 3.376 -0.959 5.716  27.916 -3.953 -0.247 3.051 11.689 1.961  
28.499 7 AA_A7G8:C11U12_BB A 7 ? B 12 ? A 8 ? B 11 ? 
1 A G 8 1_555 B C 2 1_555 A G 9 1_555 B C 1 1_555 -0.232 -1.143 3.576 -1.631 5.706  35.161 -2.751 0.126  3.363 9.362  2.677  
35.643 8 AA_G8G9:C10C11_BB A 8 ? B 11 ? A 9 ? B 10 ? 
# 
loop_
_pdbx_nmr_spectrometer.spectrometer_id 
_pdbx_nmr_spectrometer.model 
_pdbx_nmr_spectrometer.manufacturer 
_pdbx_nmr_spectrometer.field_strength 
_pdbx_nmr_spectrometer.type 
1 DRX Bruker 600 ? 
2 DRX Bruker 500 ? 
3 ARX Bruker 500 ? 
# 
_atom_sites.entry_id                    1C4L 
_atom_sites.fract_transf_matrix[1][1]   1.000000 
_atom_sites.fract_transf_matrix[1][2]   0.000000 
_atom_sites.fract_transf_matrix[1][3]   0.000000 
_atom_sites.fract_transf_matrix[2][1]   0.000000 
_atom_sites.fract_transf_matrix[2][2]   1.000000 
_atom_sites.fract_transf_matrix[2][3]   0.000000 
_atom_sites.fract_transf_matrix[3][1]   0.000000 
_atom_sites.fract_transf_matrix[3][2]   0.000000 
_atom_sites.fract_transf_matrix[3][3]   1.000000 
_atom_sites.fract_transf_vector[1]      0.00000 
_atom_sites.fract_transf_vector[2]      0.00000 
_atom_sites.fract_transf_vector[3]      0.00000 
# 
loop_
_atom_type.symbol 
C 
H 
N 
O 
P 
# 
loop_
_atom_site.group_PDB 
_atom_site.id 
_atom_site.type_symbol 
_atom_site.label_atom_id 
_atom_site.label_alt_id 
_atom_site.label_comp_id 
_atom_site.label_asym_id 
_atom_site.label_entity_id 
_atom_site.label_seq_id 
_atom_site.pdbx_PDB_ins_code 
_atom_site.Cartn_x 
_atom_site.Cartn_y 
_atom_site.Cartn_z 
_atom_site.occupancy 
_atom_site.B_iso_or_equiv 
_atom_site.pdbx_formal_charge 
_atom_site.auth_seq_id 
_atom_site.auth_comp_id 
_atom_site.auth_asym_id 
_atom_site.auth_atom_id 
_atom_site.pdbx_PDB_model_num 
ATOM 1   O "O5'"  . C A 1 1 ? -4.875  4.353   -14.334 1.00 0.00 ? 1  C A "O5'"  1 
ATOM 2   C "C5'"  . C A 1 1 ? -4.811  5.601   -13.638 1.00 0.00 ? 1  C A "C5'"  1 
ATOM 3   C "C4'"  . C A 1 1 ? -3.399  6.180   -13.653 1.00 0.00 ? 1  C A "C4'"  1 
ATOM 4   O "O4'"  . C A 1 1 ? -3.336  7.429   -12.949 1.00 0.00 ? 1  C A "O4'"  1 
ATOM 5   C "C3'"  . C A 1 1 ? -2.404  5.233   -12.998 1.00 0.00 ? 1  C A "C3'"  1 
ATOM 6   O "O3'"  . C A 1 1 ? -1.703  4.474   -13.992 1.00 0.00 ? 1  C A "O3'"  1 
ATOM 7   C "C2'"  . C A 1 1 ? -1.461  6.125   -12.216 1.00 0.00 ? 1  C A "C2'"  1 
ATOM 8   O "O2'"  . C A 1 1 ? -0.186  6.221   -12.858 1.00 0.00 ? 1  C A "O2'"  1 
ATOM 9   C "C1'"  . C A 1 1 ? -2.132  7.491   -12.162 1.00 0.00 ? 1  C A "C1'"  1 
ATOM 10  N N1     . C A 1 1 ? -2.425  7.895   -10.769 1.00 0.00 ? 1  C A N1     1 
ATOM 11  C C2     . C A 1 1 ? -1.572  8.812   -10.173 1.00 0.00 ? 1  C A C2     1 
ATOM 12  O O2     . C A 1 1 ? -0.611  9.256   -10.791 1.00 0.00 ? 1  C A O2     1 
ATOM 13  N N3     . C A 1 1 ? -1.830  9.200   -8.899  1.00 0.00 ? 1  C A N3     1 
ATOM 14  C C4     . C A 1 1 ? -2.879  8.711   -8.234  1.00 0.00 ? 1  C A C4     1 
ATOM 15  N N4     . C A 1 1 ? -3.107  9.106   -6.992  1.00 0.00 ? 1  C A N4     1 
ATOM 16  C C5     . C A 1 1 ? -3.763  7.767   -8.835  1.00 0.00 ? 1  C A C5     1 
ATOM 17  C C6     . C A 1 1 ? -3.500  7.390   -10.096 1.00 0.00 ? 1  C A C6     1 
ATOM 18  H "H5'"  . C A 1 1 ? -5.123  5.449   -12.605 1.00 0.00 ? 1  C A "H5'"  1 
ATOM 19  H "H5''" . C A 1 1 ? -5.489  6.308   -14.115 1.00 0.00 ? 1  C A "H5''" 1 
ATOM 20  H "H4'"  . C A 1 1 ? -3.098  6.346   -14.688 1.00 0.00 ? 1  C A "H4'"  1 
ATOM 21  H "H3'"  . C A 1 1 ? -2.931  4.568   -12.310 1.00 0.00 ? 1  C A "H3'"  1 
ATOM 22  H "H2'"  . C A 1 1 ? -1.348  5.733   -11.205 1.00 0.00 ? 1  C A "H2'"  1 
ATOM 23  H "HO2'" . C A 1 1 ? 0.481   6.185   -12.169 1.00 0.00 ? 1  C A "HO2'" 1 
ATOM 24  H "H1'"  . C A 1 1 ? -1.459  8.225   -12.605 1.00 0.00 ? 1  C A "H1'"  1 
ATOM 25  H H41    . C A 1 1 ? -2.489  9.774   -6.551  1.00 0.00 ? 1  C A H41    1 
ATOM 26  H H42    . C A 1 1 ? -3.899  8.736   -6.489  1.00 0.00 ? 1  C A H42    1 
ATOM 27  H H5     . C A 1 1 ? -4.620  7.368   -8.292  1.00 0.00 ? 1  C A H5     1 
ATOM 28  H H6     . C A 1 1 ? -4.157  6.672   -10.581 1.00 0.00 ? 1  C A H6     1 
ATOM 29  H "HO5'" . C A 1 1 ? -4.302  3.737   -13.870 1.00 0.00 ? 1  C A "HO5'" 1 
ATOM 30  P P      . G A 1 2 ? -0.922  3.118   -13.605 1.00 0.00 ? 2  G A P      1 
ATOM 31  O OP1    . G A 1 2 ? -0.779  2.305   -14.833 1.00 0.00 ? 2  G A OP1    1 
ATOM 32  O OP2    . G A 1 2 ? -1.565  2.533   -12.407 1.00 0.00 ? 2  G A OP2    1 
ATOM 33  O "O5'"  . G A 1 2 ? 0.538   3.663   -13.193 1.00 0.00 ? 2  G A "O5'"  1 
ATOM 34  C "C5'"  . G A 1 2 ? 1.108   3.344   -11.920 1.00 0.00 ? 2  G A "C5'"  1 
ATOM 35  C "C4'"  . G A 1 2 ? 2.327   4.212   -11.615 1.00 0.00 ? 2  G A "C4'"  1 
ATOM 36  O "O4'"  . G A 1 2 ? 1.956   5.575   -11.333 1.00 0.00 ? 2  G A "O4'"  1 
ATOM 37  C "C3'"  . G A 1 2 ? 3.082   3.694   -10.402 1.00 0.00 ? 2  G A "C3'"  1 
ATOM 38  O "O3'"  . G A 1 2 ? 4.157   2.827   -10.782 1.00 0.00 ? 2  G A "O3'"  1 
ATOM 39  C "C2'"  . G A 1 2 ? 3.588   4.941   -9.718  1.00 0.00 ? 2  G A "C2'"  1 
ATOM 40  O "O2'"  . G A 1 2 ? 4.904   5.281   -10.166 1.00 0.00 ? 2  G A "O2'"  1 
ATOM 41  C "C1'"  . G A 1 2 ? 2.606   6.020   -10.125 1.00 0.00 ? 2  G A "C1'"  1 
ATOM 42  N N9     . G A 1 2 ? 1.616   6.242   -9.058  1.00 0.00 ? 2  G A N9     1 
ATOM 43  C C8     . G A 1 2 ? 0.362   5.737   -8.928  1.00 0.00 ? 2  G A C8     1 
ATOM 44  N N7     . G A 1 2 ? -0.312  6.083   -7.878  1.00 0.00 ? 2  G A N7     1 
ATOM 45  C C5     . G A 1 2 ? 0.596   6.919   -7.224  1.00 0.00 ? 2  G A C5     1 
ATOM 46  C C6     . G A 1 2 ? 0.455   7.621   -6.001  1.00 0.00 ? 2  G A C6     1 
ATOM 47  O O6     . G A 1 2 ? -0.519  7.658   -5.263  1.00 0.00 ? 2  G A O6     1 
ATOM 48  N N1     . G A 1 2 ? 1.595   8.344   -5.680  1.00 0.00 ? 2  G A N1     1 
ATOM 49  C C2     . G A 1 2 ? 2.739   8.390   -6.458  1.00 0.00 ? 2  G A C2     1 
ATOM 50  N N2     . G A 1 2 ? 3.747   9.134   -6.008  1.00 0.00 ? 2  G A N2     1 
ATOM 51  N N3     . G A 1 2 ? 2.875   7.734   -7.615  1.00 0.00 ? 2  G A N3     1 
ATOM 52  C C4     . G A 1 2 ? 1.773   7.021   -7.935  1.00 0.00 ? 2  G A C4     1 
ATOM 53  H "H5'"  . G A 1 2 ? 1.409   2.296   -11.919 1.00 0.00 ? 2  G A "H5'"  1 
ATOM 54  H "H5''" . G A 1 2 ? 0.359   3.500   -11.144 1.00 0.00 ? 2  G A "H5''" 1 
ATOM 55  H "H4'"  . G A 1 2 ? 2.993   4.202   -12.478 1.00 0.00 ? 2  G A "H4'"  1 
ATOM 56  H "H3'"  . G A 1 2 ? 2.380   3.180   -9.739  1.00 0.00 ? 2  G A "H3'"  1 
ATOM 57  H "H2'"  . G A 1 2 ? 3.572   4.811   -8.636  1.00 0.00 ? 2  G A "H2'"  1 
ATOM 58  H "HO2'" . G A 1 2 ? 4.892   6.153   -10.566 1.00 0.00 ? 2  G A "HO2'" 1 
ATOM 59  H "H1'"  . G A 1 2 ? 3.149   6.942   -10.307 1.00 0.00 ? 2  G A "H1'"  1 
ATOM 60  H H8     . G A 1 2 ? -0.053  5.063   -9.677  1.00 0.00 ? 2  G A H8     1 
ATOM 61  H H1     . G A 1 2 ? 1.560   8.857   -4.789  1.00 0.00 ? 2  G A H1     1 
ATOM 62  H H21    . G A 1 2 ? 3.655   9.634   -5.135  1.00 0.00 ? 2  G A H21    1 
ATOM 63  H H22    . G A 1 2 ? 4.605   9.198   -6.538  1.00 0.00 ? 2  G A H22    1 
ATOM 64  P P      . A A 1 3 ? 4.812   1.810   -9.718  1.00 0.00 ? 3  A A P      1 
ATOM 65  O OP1    . A A 1 3 ? 5.918   1.089   -10.386 1.00 0.00 ? 3  A A OP1    1 
ATOM 66  O OP2    . A A 1 3 ? 3.719   1.048   -9.074  1.00 0.00 ? 3  A A OP2    1 
ATOM 67  O "O5'"  . A A 1 3 ? 5.444   2.805   -8.618  1.00 0.00 ? 3  A A "O5'"  1 
ATOM 68  C "C5'"  . A A 1 3 ? 6.647   3.531   -8.891  1.00 0.00 ? 3  A A "C5'"  1 
ATOM 69  C "C4'"  . A A 1 3 ? 7.137   4.290   -7.662  1.00 0.00 ? 3  A A "C4'"  1 
ATOM 70  O "O4'"  . A A 1 3 ? 6.207   5.304   -7.246  1.00 0.00 ? 3  A A "O4'"  1 
ATOM 71  C "C3'"  . A A 1 3 ? 7.331   3.348   -6.489  1.00 0.00 ? 3  A A "C3'"  1 
ATOM 72  O "O3'"  . A A 1 3 ? 8.695   2.919   -6.410  1.00 0.00 ? 3  A A "O3'"  1 
ATOM 73  C "C2'"  . A A 1 3 ? 6.925   4.151   -5.274  1.00 0.00 ? 3  A A "C2'"  1 
ATOM 74  O "O2'"  . A A 1 3 ? 8.073   4.672   -4.594  1.00 0.00 ? 3  A A "O2'"  1 
ATOM 75  C "C1'"  . A A 1 3 ? 6.062   5.280   -5.813  1.00 0.00 ? 3  A A "C1'"  1 
ATOM 76  N N9     . A A 1 3 ? 4.652   5.088   -5.435  1.00 0.00 ? 3  A A N9     1 
ATOM 77  C C8     . A A 1 3 ? 3.676   4.374   -6.052  1.00 0.00 ? 3  A A C8     1 
ATOM 78  N N7     . A A 1 3 ? 2.497   4.384   -5.511  1.00 0.00 ? 3  A A N7     1 
ATOM 79  C C5     . A A 1 3 ? 2.711   5.202   -4.400  1.00 0.00 ? 3  A A C5     1 
ATOM 80  C C6     . A A 1 3 ? 1.871   5.648   -3.369  1.00 0.00 ? 3  A A C6     1 
ATOM 81  N N6     . A A 1 3 ? 0.581   5.326   -3.275  1.00 0.00 ? 3  A A N6     1 
ATOM 82  N N1     . A A 1 3 ? 2.415   6.443   -2.439  1.00 0.00 ? 3  A A N1     1 
ATOM 83  C C2     . A A 1 3 ? 3.694   6.788   -2.499  1.00 0.00 ? 3  A A C2     1 
ATOM 84  N N3     . A A 1 3 ? 4.576   6.432   -3.419  1.00 0.00 ? 3  A A N3     1 
ATOM 85  C C4     . A A 1 3 ? 4.015   5.632   -4.349  1.00 0.00 ? 3  A A C4     1 
ATOM 86  H "H5'"  . A A 1 3 ? 6.460   4.242   -9.695  1.00 0.00 ? 3  A A "H5'"  1 
ATOM 87  H "H5''" . A A 1 3 ? 7.422   2.832   -9.208  1.00 0.00 ? 3  A A "H5''" 1 
ATOM 88  H "H4'"  . A A 1 3 ? 8.090   4.762   -7.896  1.00 0.00 ? 3  A A "H4'"  1 
ATOM 89  H "H3'"  . A A 1 3 ? 6.656   2.495   -6.597  1.00 0.00 ? 3  A A "H3'"  1 
ATOM 90  H "H2'"  . A A 1 3 ? 6.334   3.527   -4.602  1.00 0.00 ? 3  A A "H2'"  1 
ATOM 91  H "HO2'" . A A 1 3 ? 8.273   5.536   -4.964  1.00 0.00 ? 3  A A "HO2'" 1 
ATOM 92  H "H1'"  . A A 1 3 ? 6.410   6.219   -5.391  1.00 0.00 ? 3  A A "H1'"  1 
ATOM 93  H H8     . A A 1 3 ? 3.884   3.818   -6.967  1.00 0.00 ? 3  A A H8     1 
ATOM 94  H H61    . A A 1 3 ? 0.027   5.679   -2.507  1.00 0.00 ? 3  A A H61    1 
ATOM 95  H H62    . A A 1 3 ? 0.157   4.727   -3.970  1.00 0.00 ? 3  A A H62    1 
ATOM 96  H H2     . A A 1 3 ? 4.056   7.438   -1.706  1.00 0.00 ? 3  A A H2     1 
ATOM 97  P P      . C A 1 4 ? 9.077   1.401   -6.029  1.00 0.00 ? 4  C A P      1 
ATOM 98  O OP1    . C A 1 4 ? 10.378  1.083   -6.658  1.00 0.00 ? 4  C A OP1    1 
ATOM 99  O OP2    . C A 1 4 ? 7.902   0.539   -6.293  1.00 0.00 ? 4  C A OP2    1 
ATOM 100 O "O5'"  . C A 1 4 ? 9.298   1.492   -4.437  1.00 0.00 ? 4  C A "O5'"  1 
ATOM 101 C "C5'"  . C A 1 4 ? 8.181   1.469   -3.544  1.00 0.00 ? 4  C A "C5'"  1 
ATOM 102 C "C4'"  . C A 1 4 ? 8.417   2.360   -2.324  1.00 0.00 ? 4  C A "C4'"  1 
ATOM 103 O "O4'"  . C A 1 4 ? 7.525   3.491   -2.299  1.00 0.00 ? 4  C A "O4'"  1 
ATOM 104 C "C3'"  . C A 1 4 ? 8.203   1.585   -1.036  1.00 0.00 ? 4  C A "C3'"  1 
ATOM 105 O "O3'"  . C A 1 4 ? 9.446   1.095   -0.519  1.00 0.00 ? 4  C A "O3'"  1 
ATOM 106 C "C2'"  . C A 1 4 ? 7.561   2.581   -0.097  1.00 0.00 ? 4  C A "C2'"  1 
ATOM 107 O "O2'"  . C A 1 4 ? 8.543   3.213   0.730   1.00 0.00 ? 4  C A "O2'"  1 
ATOM 108 C "C1'"  . C A 1 4 ? 6.893   3.600   -1.007  1.00 0.00 ? 4  C A "C1'"  1 
ATOM 109 N N1     . C A 1 4 ? 5.437   3.357   -1.129  1.00 0.00 ? 4  C A N1     1 
ATOM 110 C C2     . C A 1 4 ? 4.606   3.807   -0.111  1.00 0.00 ? 4  C A C2     1 
ATOM 111 O O2     . C A 1 4 ? 5.067   4.382   0.870   1.00 0.00 ? 4  C A O2     1 
ATOM 112 N N3     . C A 1 4 ? 3.273   3.595   -0.230  1.00 0.00 ? 4  C A N3     1 
ATOM 113 C C4     . C A 1 4 ? 2.772   2.970   -1.297  1.00 0.00 ? 4  C A C4     1 
ATOM 114 N N4     . C A 1 4 ? 1.468   2.783   -1.390  1.00 0.00 ? 4  C A N4     1 
ATOM 115 C C5     . C A 1 4 ? 3.613   2.504   -2.347  1.00 0.00 ? 4  C A C5     1 
ATOM 116 C C6     . C A 1 4 ? 4.930   2.717   -2.222  1.00 0.00 ? 4  C A C6     1 
ATOM 117 H "H5'"  . C A 1 4 ? 8.019   0.443   -3.214  1.00 0.00 ? 4  C A "H5'"  1 
ATOM 118 H "H5''" . C A 1 4 ? 7.294   1.815   -4.071  1.00 0.00 ? 4  C A "H5''" 1 
ATOM 119 H "H4'"  . C A 1 4 ? 9.444   2.723   -2.349  1.00 0.00 ? 4  C A "H4'"  1 
ATOM 120 H "H3'"  . C A 1 4 ? 7.509   0.759   -1.222  1.00 0.00 ? 4  C A "H3'"  1 
ATOM 121 H "H2'"  . C A 1 4 ? 6.815   2.083   0.516   1.00 0.00 ? 4  C A "H2'"  1 
ATOM 122 H "HO2'" . C A 1 4 ? 9.392   3.152   0.284   1.00 0.00 ? 4  C A "HO2'" 1 
ATOM 123 H "H1'"  . C A 1 4 ? 7.046   4.597   -0.599  1.00 0.00 ? 4  C A "H1'"  1 
ATOM 124 H H41    . C A 1 4 ? 0.855   3.105   -0.655  1.00 0.00 ? 4  C A H41    1 
ATOM 125 H H42    . C A 1 4 ? 1.088   2.330   -2.203  1.00 0.00 ? 4  C A H42    1 
ATOM 126 H H5     . C A 1 4 ? 3.201   1.995   -3.219  1.00 0.00 ? 4  C A H5     1 
ATOM 127 H H6     . C A 1 4 ? 5.598   2.380   -3.009  1.00 0.00 ? 4  C A H6     1 
ATOM 128 P P      . U A 1 5 ? 9.882   -0.436  -0.760  1.00 0.00 ? 5  U A P      1 
ATOM 129 O OP1    . U A 1 5 ? 10.847  -0.816  0.297   1.00 0.00 ? 5  U A OP1    1 
ATOM 130 O OP2    . U A 1 5 ? 10.251  -0.594  -2.184  1.00 0.00 ? 5  U A OP2    1 
ATOM 131 O "O5'"  . U A 1 5 ? 8.498   -1.226  -0.508  1.00 0.00 ? 5  U A "O5'"  1 
ATOM 132 C "C5'"  . U A 1 5 ? 8.200   -1.848  0.747   1.00 0.00 ? 5  U A "C5'"  1 
ATOM 133 C "C4'"  . U A 1 5 ? 8.399   -0.901  1.929   1.00 0.00 ? 5  U A "C4'"  1 
ATOM 134 O "O4'"  . U A 1 5 ? 7.662   0.324   1.767   1.00 0.00 ? 5  U A "O4'"  1 
ATOM 135 C "C3'"  . U A 1 5 ? 7.935   -1.539  3.227   1.00 0.00 ? 5  U A "C3'"  1 
ATOM 136 O "O3'"  . U A 1 5 ? 9.033   -2.129  3.933   1.00 0.00 ? 5  U A "O3'"  1 
ATOM 137 C "C2'"  . U A 1 5 ? 7.320   -0.406  4.016   1.00 0.00 ? 5  U A "C2'"  1 
ATOM 138 O "O2'"  . U A 1 5 ? 8.226   0.081   5.010   1.00 0.00 ? 5  U A "O2'"  1 
ATOM 139 C "C1'"  . U A 1 5 ? 7.013   0.685   3.002   1.00 0.00 ? 5  U A "C1'"  1 
ATOM 140 N N1     . U A 1 5 ? 5.554   0.851   2.813   1.00 0.00 ? 5  U A N1     1 
ATOM 141 C C2     . U A 1 5 ? 4.792   1.229   3.909   1.00 0.00 ? 5  U A C2     1 
ATOM 142 O O2     . U A 1 5 ? 5.278   1.457   5.016   1.00 0.00 ? 5  U A O2     1 
ATOM 143 N N3     . U A 1 5 ? 3.432   1.348   3.686   1.00 0.00 ? 5  U A N3     1 
ATOM 144 C C4     . U A 1 5 ? 2.779   1.126   2.487   1.00 0.00 ? 5  U A C4     1 
ATOM 145 O O4     . U A 1 5 ? 1.566   1.252   2.409   1.00 0.00 ? 5  U A O4     1 
ATOM 146 C C5     . U A 1 5 ? 3.648   0.740   1.402   1.00 0.00 ? 5  U A C5     1 
ATOM 147 C C6     . U A 1 5 ? 4.980   0.620   1.592   1.00 0.00 ? 5  U A C6     1 
ATOM 148 H "H5'"  . U A 1 5 ? 8.851   -2.713  0.875   1.00 0.00 ? 5  U A "H5'"  1 
ATOM 149 H "H5''" . U A 1 5 ? 7.164   -2.185  0.734   1.00 0.00 ? 5  U A "H5''" 1 
ATOM 150 H "H4'"  . U A 1 5 ? 9.459   -0.663  2.016   1.00 0.00 ? 5  U A "H4'"  1 
ATOM 151 H "H3'"  . U A 1 5 ? 7.170   -2.289  3.013   1.00 0.00 ? 5  U A "H3'"  1 
ATOM 152 H "H2'"  . U A 1 5 ? 6.394   -0.744  4.482   1.00 0.00 ? 5  U A "H2'"  1 
ATOM 153 H "HO2'" . U A 1 5 ? 8.851   0.673   4.584   1.00 0.00 ? 5  U A "HO2'" 1 
ATOM 154 H "H1'"  . U A 1 5 ? 7.427   1.617   3.368   1.00 0.00 ? 5  U A "H1'"  1 
ATOM 155 H H3     . U A 1 5 ? 2.861   1.621   4.474   1.00 0.00 ? 5  U A H3     1 
ATOM 156 H H5     . U A 1 5 ? 3.219   0.541   0.416   1.00 0.00 ? 5  U A H5     1 
ATOM 157 H H6     . U A 1 5 ? 5.619   0.356   0.749   1.00 0.00 ? 5  U A H6     1 
ATOM 158 P P      . C A 1 6 ? 8.788   -3.319  4.990   1.00 0.00 ? 6  C A P      1 
ATOM 159 O OP1    . C A 1 6 ? 9.842   -3.239  6.028   1.00 0.00 ? 6  C A OP1    1 
ATOM 160 O OP2    . C A 1 6 ? 8.594   -4.576  4.234   1.00 0.00 ? 6  C A OP2    1 
ATOM 161 O "O5'"  . C A 1 6 ? 7.380   -2.915  5.663   1.00 0.00 ? 6  C A "O5'"  1 
ATOM 162 C "C5'"  . C A 1 6 ? 7.326   -2.036  6.791   1.00 0.00 ? 6  C A "C5'"  1 
ATOM 163 C "C4'"  . C A 1 6 ? 5.948   -2.031  7.445   1.00 0.00 ? 6  C A "C4'"  1 
ATOM 164 O "O4'"  . C A 1 6 ? 5.028   -1.138  6.792   1.00 0.00 ? 6  C A "O4'"  1 
ATOM 165 C "C3'"  . C A 1 6 ? 5.313   -3.407  7.399   1.00 0.00 ? 6  C A "C3'"  1 
ATOM 166 O "O3'"  . C A 1 6 ? 5.695   -4.198  8.529   1.00 0.00 ? 6  C A "O3'"  1 
ATOM 167 C "C2'"  . C A 1 6 ? 3.832   -3.123  7.381   1.00 0.00 ? 6  C A "C2'"  1 
ATOM 168 O "O2'"  . C A 1 6 ? 3.272   -3.166  8.696   1.00 0.00 ? 6  C A "O2'"  1 
ATOM 169 C "C1'"  . C A 1 6 ? 3.711   -1.731  6.785   1.00 0.00 ? 6  C A "C1'"  1 
ATOM 170 N N1     . C A 1 6 ? 3.156   -1.845  5.422   1.00 0.00 ? 6  C A N1     1 
ATOM 171 C C2     . C A 1 6 ? 1.783   -1.704  5.270   1.00 0.00 ? 6  C A C2     1 
ATOM 172 O O2     . C A 1 6 ? 1.074   -1.437  6.232   1.00 0.00 ? 6  C A O2     1 
ATOM 173 N N3     . C A 1 6 ? 1.248   -1.874  4.036   1.00 0.00 ? 6  C A N3     1 
ATOM 174 C C4     . C A 1 6 ? 2.019   -2.172  2.993   1.00 0.00 ? 6  C A C4     1 
ATOM 175 N N4     . C A 1 6 ? 1.489   -2.330  1.785   1.00 0.00 ? 6  C A N4     1 
ATOM 176 C C5     . C A 1 6 ? 3.420   -2.316  3.142   1.00 0.00 ? 6  C A C5     1 
ATOM 177 C C6     . C A 1 6 ? 3.955   -2.142  4.357   1.00 0.00 ? 6  C A C6     1 
ATOM 178 H "H5'"  . C A 1 6 ? 7.568   -1.024  6.469   1.00 0.00 ? 6  C A "H5'"  1 
ATOM 179 H "H5''" . C A 1 6 ? 8.063   -2.357  7.528   1.00 0.00 ? 6  C A "H5''" 1 
ATOM 180 H "H4'"  . C A 1 6 ? 6.052   -1.725  8.486   1.00 0.00 ? 6  C A "H4'"  1 
ATOM 181 H "H3'"  . C A 1 6 ? 5.589   -3.900  6.459   1.00 0.00 ? 6  C A "H3'"  1 
ATOM 182 H "H2'"  . C A 1 6 ? 3.334   -3.837  6.727   1.00 0.00 ? 6  C A "H2'"  1 
ATOM 183 H "HO2'" . C A 1 6 ? 2.354   -2.892  8.620   1.00 0.00 ? 6  C A "HO2'" 1 
ATOM 184 H "H1'"  . C A 1 6 ? 3.034   -1.143  7.401   1.00 0.00 ? 6  C A "H1'"  1 
ATOM 185 H H41    . C A 1 6 ? 0.493   -2.232  1.652   1.00 0.00 ? 6  C A H41    1 
ATOM 186 H H42    . C A 1 6 ? 2.088   -2.550  1.005   1.00 0.00 ? 6  C A H42    1 
ATOM 187 H H5     . C A 1 6 ? 4.025   -2.588  2.300   1.00 0.00 ? 6  C A H5     1 
ATOM 188 H H6     . C A 1 6 ? 5.035   -2.209  4.476   1.00 0.00 ? 6  C A H6     1 
ATOM 189 P P      . A A 1 7 ? 5.718   -5.807  8.441   1.00 0.00 ? 7  A A P      1 
ATOM 190 O OP1    . A A 1 7 ? 6.638   -6.313  9.485   1.00 0.00 ? 7  A A OP1    1 
ATOM 191 O OP2    . A A 1 7 ? 5.924   -6.193  7.027   1.00 0.00 ? 7  A A OP2    1 
ATOM 192 O "O5'"  . A A 1 7 ? 4.214   -6.200  8.858   1.00 0.00 ? 7  A A "O5'"  1 
ATOM 193 C "C5'"  . A A 1 7 ? 3.675   -5.807  10.124  1.00 0.00 ? 7  A A "C5'"  1 
ATOM 194 C "C4'"  . A A 1 7 ? 2.186   -6.127  10.220  1.00 0.00 ? 7  A A "C4'"  1 
ATOM 195 O "O4'"  . A A 1 7 ? 1.416   -5.312  9.319   1.00 0.00 ? 7  A A "O4'"  1 
ATOM 196 C "C3'"  . A A 1 7 ? 1.913   -7.582  9.875   1.00 0.00 ? 7  A A "C3'"  1 
ATOM 197 O "O3'"  . A A 1 7 ? 1.756   -8.367  11.064  1.00 0.00 ? 7  A A "O3'"  1 
ATOM 198 C "C2'"  . A A 1 7 ? 0.643   -7.562  9.053   1.00 0.00 ? 7  A A "C2'"  1 
ATOM 199 O "O2'"  . A A 1 7 ? -0.486  -7.959  9.837   1.00 0.00 ? 7  A A "O2'"  1 
ATOM 200 C "C1'"  . A A 1 7 ? 0.486   -6.124  8.579   1.00 0.00 ? 7  A A "C1'"  1 
ATOM 201 N N9     . A A 1 7 ? 0.742   -6.010  7.132   1.00 0.00 ? 7  A A N9     1 
ATOM 202 C C8     . A A 1 7 ? 1.910   -5.811  6.464   1.00 0.00 ? 7  A A C8     1 
ATOM 203 N N7     . A A 1 7 ? 1.856   -5.736  5.173   1.00 0.00 ? 7  A A N7     1 
ATOM 204 C C5     . A A 1 7 ? 0.490   -5.902  4.946   1.00 0.00 ? 7  A A C5     1 
ATOM 205 C C6     . A A 1 7 ? -0.278  -5.931  3.777   1.00 0.00 ? 7  A A C6     1 
ATOM 206 N N6     . A A 1 7 ? 0.236   -5.782  2.557   1.00 0.00 ? 7  A A N6     1 
ATOM 207 N N1     . A A 1 7 ? -1.597  -6.116  3.916   1.00 0.00 ? 7  A A N1     1 
ATOM 208 C C2     . A A 1 7 ? -2.141  -6.264  5.118   1.00 0.00 ? 7  A A C2     1 
ATOM 209 N N3     . A A 1 7 ? -1.518  -6.257  6.286   1.00 0.00 ? 7  A A N3     1 
ATOM 210 C C4     . A A 1 7 ? -0.191  -6.069  6.127   1.00 0.00 ? 7  A A C4     1 
ATOM 211 H "H5'"  . A A 1 7 ? 3.817   -4.733  10.255  1.00 0.00 ? 7  A A "H5'"  1 
ATOM 212 H "H5''" . A A 1 7 ? 4.204   -6.335  10.917  1.00 0.00 ? 7  A A "H5''" 1 
ATOM 213 H "H4'"  . A A 1 7 ? 1.849   -5.937  11.239  1.00 0.00 ? 7  A A "H4'"  1 
ATOM 214 H "H3'"  . A A 1 7 ? 2.732   -7.971  9.267   1.00 0.00 ? 7  A A "H3'"  1 
ATOM 215 H "H2'"  . A A 1 7 ? 0.758   -8.221  8.191   1.00 0.00 ? 7  A A "H2'"  1 
ATOM 216 H "HO2'" . A A 1 7 ? -0.975  -8.581  9.293   1.00 0.00 ? 7  A A "HO2'" 1 
ATOM 217 H "H1'"  . A A 1 7 ? -0.532  -5.791  8.781   1.00 0.00 ? 7  A A "H1'"  1 
ATOM 218 H H8     . A A 1 7 ? 2.854   -5.712  6.998   1.00 0.00 ? 7  A A H8     1 
ATOM 219 H H61    . A A 1 7 ? -0.367  -5.811  1.748   1.00 0.00 ? 7  A A H61    1 
ATOM 220 H H62    . A A 1 7 ? 1.230   -5.641  2.441   1.00 0.00 ? 7  A A H62    1 
ATOM 221 H H2     . A A 1 7 ? -3.219  -6.404  5.145   1.00 0.00 ? 7  A A H2     1 
ATOM 222 P P      . G A 1 8 ? 2.043   -9.952  11.053  1.00 0.00 ? 8  G A P      1 
ATOM 223 O OP1    . G A 1 8 ? 2.450   -10.354 12.418  1.00 0.00 ? 8  G A OP1    1 
ATOM 224 O OP2    . G A 1 8 ? 2.923   -10.261 9.902   1.00 0.00 ? 8  G A OP2    1 
ATOM 225 O "O5'"  . G A 1 8 ? 0.583   -10.567 10.765  1.00 0.00 ? 8  G A "O5'"  1 
ATOM 226 C "C5'"  . G A 1 8 ? 0.327   -11.363 9.605   1.00 0.00 ? 8  G A "C5'"  1 
ATOM 227 C "C4'"  . G A 1 8 ? -1.129  -11.248 9.165   1.00 0.00 ? 8  G A "C4'"  1 
ATOM 228 O "O4'"  . G A 1 8 ? -1.357  -10.037 8.425   1.00 0.00 ? 8  G A "O4'"  1 
ATOM 229 C "C3'"  . G A 1 8 ? -1.547  -12.413 8.283   1.00 0.00 ? 8  G A "C3'"  1 
ATOM 230 O "O3'"  . G A 1 8 ? -2.241  -13.407 9.046   1.00 0.00 ? 8  G A "O3'"  1 
ATOM 231 C "C2'"  . G A 1 8 ? -2.440  -11.798 7.230   1.00 0.00 ? 8  G A "C2'"  1 
ATOM 232 O "O2'"  . G A 1 8 ? -3.823  -11.979 7.548   1.00 0.00 ? 8  G A "O2'"  1 
ATOM 233 C "C1'"  . G A 1 8 ? -2.084  -10.322 7.217   1.00 0.00 ? 8  G A "C1'"  1 
ATOM 234 N N9     . G A 1 8 ? -1.267  -9.986  6.034   1.00 0.00 ? 8  G A N9     1 
ATOM 235 C C8     . G A 1 8 ? 0.063   -9.708  5.949   1.00 0.00 ? 8  G A C8     1 
ATOM 236 N N7     . G A 1 8 ? 0.544   -9.438  4.781   1.00 0.00 ? 8  G A N7     1 
ATOM 237 C C5     . G A 1 8 ? -0.592  -9.544  3.983   1.00 0.00 ? 8  G A C5     1 
ATOM 238 C C6     . G A 1 8 ? -0.722  -9.358  2.587   1.00 0.00 ? 8  G A C6     1 
ATOM 239 O O6     . G A 1 8 ? 0.151   -9.068  1.779   1.00 0.00 ? 8  G A O6     1 
ATOM 240 N N1     . G A 1 8 ? -2.025  -9.551  2.162   1.00 0.00 ? 8  G A N1     1 
ATOM 241 C C2     . G A 1 8 ? -3.081  -9.888  2.979   1.00 0.00 ? 8  G A C2     1 
ATOM 242 N N2     . G A 1 8 ? -4.258  -10.043 2.378   1.00 0.00 ? 8  G A N2     1 
ATOM 243 N N3     . G A 1 8 ? -2.970  -10.066 4.299   1.00 0.00 ? 8  G A N3     1 
ATOM 244 C C4     . G A 1 8 ? -1.701  -9.878  4.732   1.00 0.00 ? 8  G A C4     1 
ATOM 245 H "H5'"  . G A 1 8 ? 0.550   -12.406 9.833   1.00 0.00 ? 8  G A "H5'"  1 
ATOM 246 H "H5''" . G A 1 8 ? 0.972   -11.031 8.791   1.00 0.00 ? 8  G A "H5''" 1 
ATOM 247 H "H4'"  . G A 1 8 ? -1.762  -11.235 10.053  1.00 0.00 ? 8  G A "H4'"  1 
ATOM 248 H "H3'"  . G A 1 8 ? -0.670  -12.848 7.795   1.00 0.00 ? 8  G A "H3'"  1 
ATOM 249 H "H2'"  . G A 1 8 ? -2.212  -12.232 6.259   1.00 0.00 ? 8  G A "H2'"  1 
ATOM 250 H "HO2'" . G A 1 8 ? -4.162  -11.160 7.919   1.00 0.00 ? 8  G A "HO2'" 1 
ATOM 251 H "H1'"  . G A 1 8 ? -3.001  -9.740  7.192   1.00 0.00 ? 8  G A "H1'"  1 
ATOM 252 H H8     . G A 1 8 ? 0.698   -9.700  6.836   1.00 0.00 ? 8  G A H8     1 
ATOM 253 H H1     . G A 1 8 ? -2.194  -9.409  1.173   1.00 0.00 ? 8  G A H1     1 
ATOM 254 H H21    . G A 1 8 ? -4.338  -9.907  1.381   1.00 0.00 ? 8  G A H21    1 
ATOM 255 H H22    . G A 1 8 ? -5.073  -10.292 2.921   1.00 0.00 ? 8  G A H22    1 
ATOM 256 P P      . G A 1 9 ? -2.123  -14.967 8.666   1.00 0.00 ? 9  G A P      1 
ATOM 257 O OP1    . G A 1 9 ? -2.755  -15.755 9.747   1.00 0.00 ? 9  G A OP1    1 
ATOM 258 O OP2    . G A 1 9 ? -0.724  -15.247 8.272   1.00 0.00 ? 9  G A OP2    1 
ATOM 259 O "O5'"  . G A 1 9 ? -3.046  -15.075 7.352   1.00 0.00 ? 9  G A "O5'"  1 
ATOM 260 C "C5'"  . G A 1 9 ? -4.455  -14.836 7.429   1.00 0.00 ? 9  G A "C5'"  1 
ATOM 261 C "C4'"  . G A 1 9 ? -5.143  -15.076 6.089   1.00 0.00 ? 9  G A "C4'"  1 
ATOM 262 O "O4'"  . G A 1 9 ? -4.936  -13.973 5.190   1.00 0.00 ? 9  G A "O4'"  1 
ATOM 263 C "C3'"  . G A 1 9 ? -4.603  -16.325 5.412   1.00 0.00 ? 9  G A "C3'"  1 
ATOM 264 O "O3'"  . G A 1 9 ? -5.456  -17.449 5.652   1.00 0.00 ? 9  G A "O3'"  1 
ATOM 265 C "C2'"  . G A 1 9 ? -4.552  -15.978 3.933   1.00 0.00 ? 9  G A "C2'"  1 
ATOM 266 O "O2'"  . G A 1 9 ? -5.690  -16.515 3.252   1.00 0.00 ? 9  G A "O2'"  1 
ATOM 267 C "C1'"  . G A 1 9 ? -4.578  -14.457 3.881   1.00 0.00 ? 9  G A "C1'"  1 
ATOM 268 N N9     . G A 1 9 ? -3.258  -13.947 3.467   1.00 0.00 ? 9  G A N9     1 
ATOM 269 C C8     . G A 1 9 ? -2.147  -13.690 4.211   1.00 0.00 ? 9  G A C8     1 
ATOM 270 N N7     . G A 1 9 ? -1.098  -13.260 3.589   1.00 0.00 ? 9  G A N7     1 
ATOM 271 C C5     . G A 1 9 ? -1.553  -13.219 2.272   1.00 0.00 ? 9  G A C5     1 
ATOM 272 C C6     . G A 1 9 ? -0.868  -12.827 1.094   1.00 0.00 ? 9  G A C6     1 
ATOM 273 O O6     . G A 1 9 ? 0.286   -12.432 0.983   1.00 0.00 ? 9  G A O6     1 
ATOM 274 N N1     . G A 1 9 ? -1.676  -12.931 -0.027  1.00 0.00 ? 9  G A N1     1 
ATOM 275 C C2     . G A 1 9 ? -2.986  -13.360 -0.019  1.00 0.00 ? 9  G A C2     1 
ATOM 276 N N2     . G A 1 9 ? -3.603  -13.395 -1.195  1.00 0.00 ? 9  G A N2     1 
ATOM 277 N N3     . G A 1 9 ? -3.639  -13.729 1.084   1.00 0.00 ? 9  G A N3     1 
ATOM 278 C C4     . G A 1 9 ? -2.866  -13.635 2.188   1.00 0.00 ? 9  G A C4     1 
ATOM 279 H "H5'"  . G A 1 9 ? -4.624  -13.803 7.734   1.00 0.00 ? 9  G A "H5'"  1 
ATOM 280 H "H5''" . G A 1 9 ? -4.890  -15.502 8.176   1.00 0.00 ? 9  G A "H5''" 1 
ATOM 281 H "H4'"  . G A 1 9 ? -6.213  -15.198 6.256   1.00 0.00 ? 9  G A "H4'"  1 
ATOM 282 H "H3'"  . G A 1 9 ? -3.593  -16.518 5.795   1.00 0.00 ? 9  G A "H3'"  1 
ATOM 283 H "HO3'" . G A 1 9 ? -4.900  -18.231 5.668   1.00 0.00 ? 9  G A "HO3'" 1 
ATOM 284 H "H2'"  . G A 1 9 ? -3.629  -16.347 3.473   1.00 0.00 ? 9  G A "H2'"  1 
ATOM 285 H "HO2'" . G A 1 9 ? -5.391  -16.788 2.383   1.00 0.00 ? 9  G A "HO2'" 1 
ATOM 286 H "H1'"  . G A 1 9 ? -5.326  -14.133 3.159   1.00 0.00 ? 9  G A "H1'"  1 
ATOM 287 H H8     . G A 1 9 ? -2.146  -13.837 5.293   1.00 0.00 ? 9  G A H8     1 
ATOM 288 H H1     . G A 1 9 ? -1.247  -12.667 -0.910  1.00 0.00 ? 9  G A H1     1 
ATOM 289 H H21    . G A 1 9 ? -3.111  -13.115 -2.032  1.00 0.00 ? 9  G A H21    1 
ATOM 290 H H22    . G A 1 9 ? -4.564  -13.702 -1.253  1.00 0.00 ? 9  G A H22    1 
ATOM 291 O "O5'"  . C B 2 1 ? -0.210  -10.198 -10.388 1.00 0.00 ? 10 C B "O5'"  1 
ATOM 292 C "C5'"  . C B 2 1 ? 0.185   -11.036 -9.299  1.00 0.00 ? 10 C B "C5'"  1 
ATOM 293 C "C4'"  . C B 2 1 ? -1.020  -11.508 -8.488  1.00 0.00 ? 10 C B "C4'"  1 
ATOM 294 O "O4'"  . C B 2 1 ? -0.622  -12.355 -7.399  1.00 0.00 ? 10 C B "O4'"  1 
ATOM 295 C "C3'"  . C B 2 1 ? -1.783  -10.333 -7.897  1.00 0.00 ? 10 C B "C3'"  1 
ATOM 296 O "O3'"  . C B 2 1 ? -2.936  -10.034 -8.696  1.00 0.00 ? 10 C B "O3'"  1 
ATOM 297 C "C2'"  . C B 2 1 ? -2.178  -10.771 -6.501  1.00 0.00 ? 10 C B "C2'"  1 
ATOM 298 O "O2'"  . C B 2 1 ? -3.586  -10.998 -6.402  1.00 0.00 ? 10 C B "O2'"  1 
ATOM 299 C "C1'"  . C B 2 1 ? -1.415  -12.060 -6.237  1.00 0.00 ? 10 C B "C1'"  1 
ATOM 300 N N1     . C B 2 1 ? -0.580  -11.957 -5.020  1.00 0.00 ? 10 C B N1     1 
ATOM 301 C C2     . C B 2 1 ? -1.142  -12.372 -3.823  1.00 0.00 ? 10 C B C2     1 
ATOM 302 O O2     . C B 2 1 ? -2.292  -12.795 -3.793  1.00 0.00 ? 10 C B O2     1 
ATOM 303 N N3     . C B 2 1 ? -0.393  -12.297 -2.696  1.00 0.00 ? 10 C B N3     1 
ATOM 304 C C4     . C B 2 1 ? 0.859   -11.833 -2.738  1.00 0.00 ? 10 C B C4     1 
ATOM 305 N N4     . C B 2 1 ? 1.568   -11.772 -1.623  1.00 0.00 ? 10 C B N4     1 
ATOM 306 C C5     . C B 2 1 ? 1.449   -11.402 -3.962  1.00 0.00 ? 10 C B C5     1 
ATOM 307 C C6     . C B 2 1 ? 0.698   -11.481 -5.071  1.00 0.00 ? 10 C B C6     1 
ATOM 308 H "H5'"  . C B 2 1 ? 0.858   -10.480 -8.646  1.00 0.00 ? 10 C B "H5'"  1 
ATOM 309 H "H5''" . C B 2 1 ? 0.711   -11.907 -9.692  1.00 0.00 ? 10 C B "H5''" 1 
ATOM 310 H "H4'"  . C B 2 1 ? -1.687  -12.069 -9.142  1.00 0.00 ? 10 C B "H4'"  1 
ATOM 311 H "H3'"  . C B 2 1 ? -1.126  -9.462  -7.835  1.00 0.00 ? 10 C B "H3'"  1 
ATOM 312 H "H2'"  . C B 2 1 ? -1.866  -10.010 -5.783  1.00 0.00 ? 10 C B "H2'"  1 
ATOM 313 H "HO2'" . C B 2 1 ? -3.864  -10.666 -5.546  1.00 0.00 ? 10 C B "HO2'" 1 
ATOM 314 H "H1'"  . C B 2 1 ? -2.139  -12.862 -6.095  1.00 0.00 ? 10 C B "H1'"  1 
ATOM 315 H H41    . C B 2 1 ? 1.163   -12.074 -0.748  1.00 0.00 ? 10 C B H41    1 
ATOM 316 H H42    . C B 2 1 ? 2.514   -11.421 -1.655  1.00 0.00 ? 10 C B H42    1 
ATOM 317 H H5     . C B 2 1 ? 2.470   -11.023 -3.995  1.00 0.00 ? 10 C B H5     1 
ATOM 318 H H6     . C B 2 1 ? 1.121   -11.160 -6.021  1.00 0.00 ? 10 C B H6     1 
ATOM 319 H "HO5'" . C B 2 1 ? 0.190   -9.337  -10.246 1.00 0.00 ? 10 C B "HO5'" 1 
ATOM 320 P P      . C B 2 2 ? -3.720  -8.635  -8.539  1.00 0.00 ? 11 C B P      1 
ATOM 321 O OP1    . C B 2 2 ? -4.393  -8.340  -9.823  1.00 0.00 ? 11 C B OP1    1 
ATOM 322 O OP2    . C B 2 2 ? -2.792  -7.643  -7.948  1.00 0.00 ? 11 C B OP2    1 
ATOM 323 O "O5'"  . C B 2 2 ? -4.852  -8.989  -7.448  1.00 0.00 ? 11 C B "O5'"  1 
ATOM 324 C "C5'"  . C B 2 2 ? -5.209  -8.048  -6.432  1.00 0.00 ? 11 C B "C5'"  1 
ATOM 325 C "C4'"  . C B 2 2 ? -6.004  -8.697  -5.301  1.00 0.00 ? 11 C B "C4'"  1 
ATOM 326 O "O4'"  . C B 2 2 ? -5.270  -9.759  -4.663  1.00 0.00 ? 11 C B "O4'"  1 
ATOM 327 C "C3'"  . C B 2 2 ? -6.347  -7.679  -4.228  1.00 0.00 ? 11 C B "C3'"  1 
ATOM 328 O "O3'"  . C B 2 2 ? -7.658  -7.137  -4.427  1.00 0.00 ? 11 C B "O3'"  1 
ATOM 329 C "C2'"  . C B 2 2 ? -6.250  -8.444  -2.930  1.00 0.00 ? 11 C B "C2'"  1 
ATOM 330 O "O2'"  . C B 2 2 ? -7.532  -8.918  -2.508  1.00 0.00 ? 11 C B "O2'"  1 
ATOM 331 C "C1'"  . C B 2 2 ? -5.323  -9.607  -3.228  1.00 0.00 ? 11 C B "C1'"  1 
ATOM 332 N N1     . C B 2 2 ? -3.970  -9.359  -2.679  1.00 0.00 ? 11 C B N1     1 
ATOM 333 C C2     . C B 2 2 ? -3.747  -9.601  -1.328  1.00 0.00 ? 11 C B C2     1 
ATOM 334 O O2     . C B 2 2 ? -4.649  -10.007 -0.604  1.00 0.00 ? 11 C B O2     1 
ATOM 335 N N3     . C B 2 2 ? -2.504  -9.371  -0.832  1.00 0.00 ? 11 C B N3     1 
ATOM 336 C C4     . C B 2 2 ? -1.524  -8.924  -1.623  1.00 0.00 ? 11 C B C4     1 
ATOM 337 N N4     . C B 2 2 ? -0.320  -8.707  -1.117  1.00 0.00 ? 11 C B N4     1 
ATOM 338 C C5     . C B 2 2 ? -1.743  -8.672  -3.007  1.00 0.00 ? 11 C B C5     1 
ATOM 339 C C6     . C B 2 2 ? -2.973  -8.902  -3.488  1.00 0.00 ? 11 C B C6     1 
ATOM 340 H "H5'"  . C B 2 2 ? -5.811  -7.257  -6.879  1.00 0.00 ? 11 C B "H5'"  1 
ATOM 341 H "H5''" . C B 2 2 ? -4.300  -7.608  -6.019  1.00 0.00 ? 11 C B "H5''" 1 
ATOM 342 H "H4'"  . C B 2 2 ? -6.928  -9.104  -5.711  1.00 0.00 ? 11 C B "H4'"  1 
ATOM 343 H "H3'"  . C B 2 2 ? -5.595  -6.886  -4.231  1.00 0.00 ? 11 C B "H3'"  1 
ATOM 344 H "H2'"  . C B 2 2 ? -5.805  -7.814  -2.165  1.00 0.00 ? 11 C B "H2'"  1 
ATOM 345 H "HO2'" . C B 2 2 ? -7.497  -9.016  -1.554  1.00 0.00 ? 11 C B "HO2'" 1 
ATOM 346 H "H1'"  . C B 2 2 ? -5.734  -10.503 -2.774  1.00 0.00 ? 11 C B "H1'"  1 
ATOM 347 H H41    . C B 2 2 ? -0.145  -8.880  -0.137  1.00 0.00 ? 11 C B H41    1 
ATOM 348 H H42    . C B 2 2 ? 0.417   -8.369  -1.716  1.00 0.00 ? 11 C B H42    1 
ATOM 349 H H5     . C B 2 2 ? -0.943  -8.307  -3.651  1.00 0.00 ? 11 C B H5     1 
ATOM 350 H H6     . C B 2 2 ? -3.174  -8.719  -4.540  1.00 0.00 ? 11 C B H6     1 
ATOM 351 P P      . U B 2 3 ? -7.997  -5.624  -3.986  1.00 0.00 ? 12 U B P      1 
ATOM 352 O OP1    . U B 2 3 ? -9.323  -5.268  -4.538  1.00 0.00 ? 12 U B OP1    1 
ATOM 353 O OP2    . U B 2 3 ? -6.821  -4.777  -4.287  1.00 0.00 ? 12 U B OP2    1 
ATOM 354 O "O5'"  . U B 2 3 ? -8.132  -5.748  -2.385  1.00 0.00 ? 12 U B "O5'"  1 
ATOM 355 C "C5'"  . U B 2 3 ? -9.166  -6.544  -1.797  1.00 0.00 ? 12 U B "C5'"  1 
ATOM 356 C "C4'"  . U B 2 3 ? -8.889  -6.830  -0.324  1.00 0.00 ? 12 U B "C4'"  1 
ATOM 357 O "O4'"  . U B 2 3 ? -7.591  -7.412  -0.130  1.00 0.00 ? 12 U B "O4'"  1 
ATOM 358 C "C3'"  . U B 2 3 ? -8.955  -5.556  0.504   1.00 0.00 ? 12 U B "C3'"  1 
ATOM 359 O "O3'"  . U B 2 3 ? -10.181 -5.527  1.242   1.00 0.00 ? 12 U B "O3'"  1 
ATOM 360 C "C2'"  . U B 2 3 ? -7.755  -5.595  1.426   1.00 0.00 ? 12 U B "C2'"  1 
ATOM 361 O "O2'"  . U B 2 3 ? -8.155  -5.686  2.798   1.00 0.00 ? 12 U B "O2'"  1 
ATOM 362 C "C1'"  . U B 2 3 ? -6.958  -6.821  1.018   1.00 0.00 ? 12 U B "C1'"  1 
ATOM 363 N N1     . U B 2 3 ? -5.538  -6.513  0.740   1.00 0.00 ? 12 U B N1     1 
ATOM 364 C C2     . U B 2 3 ? -4.651  -6.626  1.793   1.00 0.00 ? 12 U B C2     1 
ATOM 365 O O2     . U B 2 3 ? -5.009  -6.916  2.933   1.00 0.00 ? 12 U B O2     1 
ATOM 366 N N3     . U B 2 3 ? -3.327  -6.375  1.497   1.00 0.00 ? 12 U B N3     1 
ATOM 367 C C4     . U B 2 3 ? -2.813  -6.016  0.267   1.00 0.00 ? 12 U B C4     1 
ATOM 368 O O4     . U B 2 3 ? -1.610  -5.805  0.136   1.00 0.00 ? 12 U B O4     1 
ATOM 369 C C5     . U B 2 3 ? -3.807  -5.917  -0.775  1.00 0.00 ? 12 U B C5     1 
ATOM 370 C C6     . U B 2 3 ? -5.111  -6.165  -0.513  1.00 0.00 ? 12 U B C6     1 
ATOM 371 H "H5'"  . U B 2 3 ? -9.239  -7.490  -2.335  1.00 0.00 ? 12 U B "H5'"  1 
ATOM 372 H "H5''" . U B 2 3 ? -10.116 -6.014  -1.884  1.00 0.00 ? 12 U B "H5''" 1 
ATOM 373 H "H4'"  . U B 2 3 ? -9.642  -7.526  0.044   1.00 0.00 ? 12 U B "H4'"  1 
ATOM 374 H "H3'"  . U B 2 3 ? -8.878  -4.679  -0.139  1.00 0.00 ? 12 U B "H3'"  1 
ATOM 375 H "H2'"  . U B 2 3 ? -7.152  -4.703  1.267   1.00 0.00 ? 12 U B "H2'"  1 
ATOM 376 H "HO2'" . U B 2 3 ? -7.465  -6.148  3.281   1.00 0.00 ? 12 U B "HO2'" 1 
ATOM 377 H "H1'"  . U B 2 3 ? -7.000  -7.520  1.845   1.00 0.00 ? 12 U B "H1'"  1 
ATOM 378 H H3     . U B 2 3 ? -2.663  -6.483  2.254   1.00 0.00 ? 12 U B H3     1 
ATOM 379 H H5     . U B 2 3 ? -3.504  -5.642  -1.785  1.00 0.00 ? 12 U B H5     1 
ATOM 380 H H6     . U B 2 3 ? -5.837  -6.107  -1.326  1.00 0.00 ? 12 U B H6     1 
ATOM 381 P P      . G B 2 4 ? -10.874 -4.126  1.611   1.00 0.00 ? 13 G B P      1 
ATOM 382 O OP1    . G B 2 4 ? -11.548 -4.271  2.921   1.00 0.00 ? 13 G B OP1    1 
ATOM 383 O OP2    . G B 2 4 ? -11.637 -3.659  0.432   1.00 0.00 ? 13 G B OP2    1 
ATOM 384 O "O5'"  . G B 2 4 ? -9.594  -3.171  1.796   1.00 0.00 ? 13 G B "O5'"  1 
ATOM 385 C "C5'"  . G B 2 4 ? -9.658  -2.012  2.623   1.00 0.00 ? 13 G B "C5'"  1 
ATOM 386 C "C4'"  . G B 2 4 ? -8.907  -2.204  3.938   1.00 0.00 ? 13 G B "C4'"  1 
ATOM 387 O "O4'"  . G B 2 4 ? -7.909  -3.238  3.870   1.00 0.00 ? 13 G B "O4'"  1 
ATOM 388 C "C3'"  . G B 2 4 ? -8.189  -0.928  4.321   1.00 0.00 ? 13 G B "C3'"  1 
ATOM 389 O "O3'"  . G B 2 4 ? -9.007  -0.120  5.174   1.00 0.00 ? 13 G B "O3'"  1 
ATOM 390 C "C2'"  . G B 2 4 ? -6.936  -1.384  5.024   1.00 0.00 ? 13 G B "C2'"  1 
ATOM 391 O "O2'"  . G B 2 4 ? -7.115  -1.402  6.445   1.00 0.00 ? 13 G B "O2'"  1 
ATOM 392 C "C1'"  . G B 2 4 ? -6.692  -2.782  4.495   1.00 0.00 ? 13 G B "C1'"  1 
ATOM 393 N N9     . G B 2 4 ? -5.586  -2.779  3.527   1.00 0.00 ? 13 G B N9     1 
ATOM 394 C C8     . G B 2 4 ? -5.649  -2.803  2.178   1.00 0.00 ? 13 G B C8     1 
ATOM 395 N N7     . G B 2 4 ? -4.527  -2.785  1.527   1.00 0.00 ? 13 G B N7     1 
ATOM 396 C C5     . G B 2 4 ? -3.599  -2.745  2.572   1.00 0.00 ? 13 G B C5     1 
ATOM 397 C C6     . G B 2 4 ? -2.179  -2.708  2.524   1.00 0.00 ? 13 G B C6     1 
ATOM 398 O O6     . G B 2 4 ? -1.453  -2.705  1.539   1.00 0.00 ? 13 G B O6     1 
ATOM 399 N N1     . G B 2 4 ? -1.614  -2.672  3.791   1.00 0.00 ? 13 G B N1     1 
ATOM 400 C C2     . G B 2 4 ? -2.339  -2.672  4.973   1.00 0.00 ? 13 G B C2     1 
ATOM 401 N N2     . G B 2 4 ? -1.643  -2.640  6.107   1.00 0.00 ? 13 G B N2     1 
ATOM 402 N N3     . G B 2 4 ? -3.674  -2.707  5.023   1.00 0.00 ? 13 G B N3     1 
ATOM 403 C C4     . G B 2 4 ? -4.238  -2.741  3.795   1.00 0.00 ? 13 G B C4     1 
ATOM 404 H "H5'"  . G B 2 4 ? -10.702 -1.787  2.844   1.00 0.00 ? 13 G B "H5'"  1 
ATOM 405 H "H5''" . G B 2 4 ? -9.224  -1.173  2.082   1.00 0.00 ? 13 G B "H5''" 1 
ATOM 406 H "H4'"  . G B 2 4 ? -9.624  -2.455  4.721   1.00 0.00 ? 13 G B "H4'"  1 
ATOM 407 H "H3'"  . G B 2 4 ? -7.906  -0.398  3.408   1.00 0.00 ? 13 G B "H3'"  1 
ATOM 408 H "H2'"  . G B 2 4 ? -6.104  -0.735  4.751   1.00 0.00 ? 13 G B "H2'"  1 
ATOM 409 H "HO2'" . G B 2 4 ? -7.687  -2.144  6.655   1.00 0.00 ? 13 G B "HO2'" 1 
ATOM 410 H "H1'"  . G B 2 4 ? -6.436  -3.429  5.319   1.00 0.00 ? 13 G B "H1'"  1 
ATOM 411 H H8     . G B 2 4 ? -6.616  -2.836  1.674   1.00 0.00 ? 13 G B H8     1 
ATOM 412 H H1     . G B 2 4 ? -0.585  -2.635  3.822   1.00 0.00 ? 13 G B H1     1 
ATOM 413 H H21    . G B 2 4 ? -0.634  -2.615  6.080   1.00 0.00 ? 13 G B H21    1 
ATOM 414 H H22    . G B 2 4 ? -2.124  -2.640  6.995   1.00 0.00 ? 13 G B H22    1 
ATOM 415 P P      . C B 2 5 ? -9.724  1.222   4.649   1.00 0.00 ? 14 C B P      1 
ATOM 416 O OP1    . C B 2 5 ? -11.090 1.270   5.215   1.00 0.00 ? 14 C B OP1    1 
ATOM 417 O OP2    . C B 2 5 ? -9.527  1.325   3.184   1.00 0.00 ? 14 C B OP2    1 
ATOM 418 O "O5'"  . C B 2 5 ? -8.841  2.362   5.362   1.00 0.00 ? 14 C B "O5'"  1 
ATOM 419 C "C5'"  . C B 2 5 ? -7.438  2.446   5.105   1.00 0.00 ? 14 C B "C5'"  1 
ATOM 420 C "C4'"  . C B 2 5 ? -6.609  2.244   6.374   1.00 0.00 ? 14 C B "C4'"  1 
ATOM 421 O "O4'"  . C B 2 5 ? -5.857  1.014   6.349   1.00 0.00 ? 14 C B "O4'"  1 
ATOM 422 C "C3'"  . C B 2 5 ? -5.611  3.373   6.545   1.00 0.00 ? 14 C B "C3'"  1 
ATOM 423 O "O3'"  . C B 2 5 ? -6.132  4.387   7.410   1.00 0.00 ? 14 C B "O3'"  1 
ATOM 424 C "C2'"  . C B 2 5 ? -4.375  2.717   7.116   1.00 0.00 ? 14 C B "C2'"  1 
ATOM 425 O "O2'"  . C B 2 5 ? -4.358  2.796   8.546   1.00 0.00 ? 14 C B "O2'"  1 
ATOM 426 C "C1'"  . C B 2 5 ? -4.468  1.272   6.655   1.00 0.00 ? 14 C B "C1'"  1 
ATOM 427 N N1     . C B 2 5 ? -3.632  1.065   5.455   1.00 0.00 ? 14 C B N1     1 
ATOM 428 C C2     . C B 2 5 ? -2.252  0.989   5.600   1.00 0.00 ? 14 C B C2     1 
ATOM 429 O O2     . C B 2 5 ? -1.734  1.058   6.715   1.00 0.00 ? 14 C B O2     1 
ATOM 430 N N3     . C B 2 5 ? -1.496  0.836   4.478   1.00 0.00 ? 14 C B N3     1 
ATOM 431 C C4     . C B 2 5 ? -2.069  0.762   3.269   1.00 0.00 ? 14 C B C4     1 
ATOM 432 N N4     . C B 2 5 ? -1.311  0.613   2.184   1.00 0.00 ? 14 C B N4     1 
ATOM 433 C C5     . C B 2 5 ? -3.485  0.841   3.120   1.00 0.00 ? 14 C B C5     1 
ATOM 434 C C6     . C B 2 5 ? -4.221  0.986   4.232   1.00 0.00 ? 14 C B C6     1 
ATOM 435 H "H5'"  . C B 2 5 ? -7.220  3.430   4.689   1.00 0.00 ? 14 C B "H5'"  1 
ATOM 436 H "H5''" . C B 2 5 ? -7.162  1.688   4.375   1.00 0.00 ? 14 C B "H5''" 1 
ATOM 437 H "H4'"  . C B 2 5 ? -7.279  2.231   7.235   1.00 0.00 ? 14 C B "H4'"  1 
ATOM 438 H "H3'"  . C B 2 5 ? -5.371  3.783   5.562   1.00 0.00 ? 14 C B "H3'"  1 
ATOM 439 H "H2'"  . C B 2 5 ? -3.483  3.183   6.695   1.00 0.00 ? 14 C B "H2'"  1 
ATOM 440 H "HO2'" . C B 2 5 ? -3.516  2.441   8.838   1.00 0.00 ? 14 C B "HO2'" 1 
ATOM 441 H "H1'"  . C B 2 5 ? -4.128  0.614   7.448   1.00 0.00 ? 14 C B "H1'"  1 
ATOM 442 H H41    . C B 2 5 ? -0.306  0.556   2.274   1.00 0.00 ? 14 C B H41    1 
ATOM 443 H H42    . C B 2 5 ? -1.741  0.556   1.273   1.00 0.00 ? 14 C B H42    1 
ATOM 444 H H5     . C B 2 5 ? -3.950  0.814   2.141   1.00 0.00 ? 14 C B H5     1 
ATOM 445 H H6     . C B 2 5 ? -5.307  1.011   4.163   1.00 0.00 ? 14 C B H6     1 
ATOM 446 P P      . G B 2 6 ? -6.139  5.932   6.953   1.00 0.00 ? 15 G B P      1 
ATOM 447 O OP1    . G B 2 6 ? -6.967  6.694   7.913   1.00 0.00 ? 15 G B OP1    1 
ATOM 448 O OP2    . G B 2 6 ? -6.441  5.991   5.506   1.00 0.00 ? 15 G B OP2    1 
ATOM 449 O "O5'"  . G B 2 6 ? -4.601  6.355   7.164   1.00 0.00 ? 15 G B "O5'"  1 
ATOM 450 C "C5'"  . G B 2 6 ? -3.876  5.916   8.316   1.00 0.00 ? 15 G B "C5'"  1 
ATOM 451 C "C4'"  . G B 2 6 ? -2.369  6.027   8.109   1.00 0.00 ? 15 G B "C4'"  1 
ATOM 452 O "O4'"  . G B 2 6 ? -1.846  4.923   7.356   1.00 0.00 ? 15 G B "O4'"  1 
ATOM 453 C "C3'"  . G B 2 6 ? -2.011  7.299   7.361   1.00 0.00 ? 15 G B "C3'"  1 
ATOM 454 O "O3'"  . G B 2 6 ? -1.652  8.342   8.274   1.00 0.00 ? 15 G B "O3'"  1 
ATOM 455 C "C2'"  . G B 2 6 ? -0.850  6.916   6.470   1.00 0.00 ? 15 G B "C2'"  1 
ATOM 456 O "O2'"  . G B 2 6 ? 0.384   7.437   6.975   1.00 0.00 ? 15 G B "O2'"  1 
ATOM 457 C "C1'"  . G B 2 6 ? -0.826  5.396   6.459   1.00 0.00 ? 15 G B "C1'"  1 
ATOM 458 N N9     . G B 2 6 ? -1.026  4.880   5.097   1.00 0.00 ? 15 G B N9     1 
ATOM 459 C C8     . G B 2 6 ? -2.157  4.444   4.476   1.00 0.00 ? 15 G B C8     1 
ATOM 460 N N7     . G B 2 6 ? -2.047  4.075   3.243   1.00 0.00 ? 15 G B N7     1 
ATOM 461 C C5     . G B 2 6 ? -0.689  4.280   3.008   1.00 0.00 ? 15 G B C5     1 
ATOM 462 C C6     . G B 2 6 ? 0.061   4.060   1.830   1.00 0.00 ? 15 G B C6     1 
ATOM 463 O O6     . G B 2 6 ? -0.337  3.625   0.761   1.00 0.00 ? 15 G B O6     1 
ATOM 464 N N1     . G B 2 6 ? 1.396   4.394   1.997   1.00 0.00 ? 15 G B N1     1 
ATOM 465 C C2     . G B 2 6 ? 1.949   4.878   3.164   1.00 0.00 ? 15 G B C2     1 
ATOM 466 N N2     . G B 2 6 ? 3.253   5.141   3.138   1.00 0.00 ? 15 G B N2     1 
ATOM 467 N N3     . G B 2 6 ? 1.247   5.085   4.282   1.00 0.00 ? 15 G B N3     1 
ATOM 468 C C4     . G B 2 6 ? -0.059  4.768   4.131   1.00 0.00 ? 15 G B C4     1 
ATOM 469 H "H5'"  . G B 2 6 ? -4.129  4.877   8.525   1.00 0.00 ? 15 G B "H5'"  1 
ATOM 470 H "H5''" . G B 2 6 ? -4.162  6.529   9.171   1.00 0.00 ? 15 G B "H5''" 1 
ATOM 471 H "H4'"  . G B 2 6 ? -1.885  6.043   9.082   1.00 0.00 ? 15 G B "H4'"  1 
ATOM 472 H "H3'"  . G B 2 6 ? -2.857  7.606   6.742   1.00 0.00 ? 15 G B "H3'"  1 
ATOM 473 H "H2'"  . G B 2 6 ? -1.030  7.283   5.458   1.00 0.00 ? 15 G B "H2'"  1 
ATOM 474 H "HO2'" . G B 2 6 ? 1.094   6.863   6.677   1.00 0.00 ? 15 G B "HO2'" 1 
ATOM 475 H "H1'"  . G B 2 6 ? 0.150   5.072   6.808   1.00 0.00 ? 15 G B "H1'"  1 
ATOM 476 H H8     . G B 2 6 ? -3.110  4.384   5.000   1.00 0.00 ? 15 G B H8     1 
ATOM 477 H H1     . G B 2 6 ? 1.986   4.288   1.174   1.00 0.00 ? 15 G B H1     1 
ATOM 478 H H21    . G B 2 6 ? 3.784   4.984   2.293   1.00 0.00 ? 15 G B H21    1 
ATOM 479 H H22    . G B 2 6 ? 3.713   5.499   3.963   1.00 0.00 ? 15 G B H22    1 
ATOM 480 P P      . U B 2 7 ? -1.900  9.887   7.897   1.00 0.00 ? 16 U B P      1 
ATOM 481 O OP1    . U B 2 7 ? -1.827  10.683  9.142   1.00 0.00 ? 16 U B OP1    1 
ATOM 482 O OP2    . U B 2 7 ? -3.104  9.971   7.039   1.00 0.00 ? 16 U B OP2    1 
ATOM 483 O "O5'"  . U B 2 7 ? -0.606  10.235  7.002   1.00 0.00 ? 16 U B "O5'"  1 
ATOM 484 C "C5'"  . U B 2 7 ? -0.638  10.122  5.576   1.00 0.00 ? 16 U B "C5'"  1 
ATOM 485 C "C4'"  . U B 2 7 ? 0.769   9.949   5.007   1.00 0.00 ? 16 U B "C4'"  1 
ATOM 486 O "O4'"  . U B 2 7 ? 1.022   8.604   4.562   1.00 0.00 ? 16 U B "O4'"  1 
ATOM 487 C "C3'"  . U B 2 7 ? 0.987   10.849  3.808   1.00 0.00 ? 16 U B "C3'"  1 
ATOM 488 O "O3'"  . U B 2 7 ? 1.498   12.129  4.192   1.00 0.00 ? 16 U B "O3'"  1 
ATOM 489 C "C2'"  . U B 2 7 ? 1.966   10.089  2.948   1.00 0.00 ? 16 U B "C2'"  1 
ATOM 490 O "O2'"  . U B 2 7 ? 3.315   10.483  3.222   1.00 0.00 ? 16 U B "O2'"  1 
ATOM 491 C "C1'"  . U B 2 7 ? 1.743   8.630   3.310   1.00 0.00 ? 16 U B "C1'"  1 
ATOM 492 N N1     . U B 2 7 ? 0.979   7.968   2.230   1.00 0.00 ? 16 U B N1     1 
ATOM 493 C C2     . U B 2 7 ? 1.660   7.608   1.076   1.00 0.00 ? 16 U B C2     1 
ATOM 494 O O2     . U B 2 7 ? 2.864   7.802   0.925   1.00 0.00 ? 16 U B O2     1 
ATOM 495 N N3     . U B 2 7 ? 0.898   7.014   0.084   1.00 0.00 ? 16 U B N3     1 
ATOM 496 C C4     . U B 2 7 ? -0.456  6.756   0.138   1.00 0.00 ? 16 U B C4     1 
ATOM 497 O O4     . U B 2 7 ? -1.020  6.221   -0.815  1.00 0.00 ? 16 U B O4     1 
ATOM 498 C C5     . U B 2 7 ? -1.082  7.164   1.374   1.00 0.00 ? 16 U B C5     1 
ATOM 499 C C6     . U B 2 7 ? -0.363  7.740   2.364   1.00 0.00 ? 16 U B C6     1 
ATOM 500 H "H5'"  . U B 2 7 ? -1.085  11.025  5.160   1.00 0.00 ? 16 U B "H5'"  1 
ATOM 501 H "H5''" . U B 2 7 ? -1.245  9.263   5.294   1.00 0.00 ? 16 U B "H5''" 1 
ATOM 502 H "H4'"  . U B 2 7 ? 1.495   10.205  5.778   1.00 0.00 ? 16 U B "H4'"  1 
ATOM 503 H "H3'"  . U B 2 7 ? 0.044   10.953  3.266   1.00 0.00 ? 16 U B "H3'"  1 
ATOM 504 H "H2'"  . U B 2 7 ? 1.726   10.245  1.897   1.00 0.00 ? 16 U B "H2'"  1 
ATOM 505 H "HO2'" . U B 2 7 ? 3.727   10.736  2.393   1.00 0.00 ? 16 U B "HO2'" 1 
ATOM 506 H "H1'"  . U B 2 7 ? 2.704   8.132   3.431   1.00 0.00 ? 16 U B "H1'"  1 
ATOM 507 H H3     . U B 2 7 ? 1.382   6.730   -0.764  1.00 0.00 ? 16 U B H3     1 
ATOM 508 H H5     . U B 2 7 ? -2.151  7.011   1.510   1.00 0.00 ? 16 U B H5     1 
ATOM 509 H H6     . U B 2 7 ? -0.855  8.002   3.306   1.00 0.00 ? 16 U B H6     1 
ATOM 510 P P      . C B 2 8 ? 1.433   13.373  3.172   1.00 0.00 ? 17 C B P      1 
ATOM 511 O OP1    . C B 2 8 ? 1.653   14.616  3.945   1.00 0.00 ? 17 C B OP1    1 
ATOM 512 O OP2    . C B 2 8 ? 0.219   13.229  2.337   1.00 0.00 ? 17 C B OP2    1 
ATOM 513 O "O5'"  . C B 2 8 ? 2.719   13.125  2.235   1.00 0.00 ? 17 C B "O5'"  1 
ATOM 514 C "C5'"  . C B 2 8 ? 3.297   14.207  1.501   1.00 0.00 ? 17 C B "C5'"  1 
ATOM 515 C "C4'"  . C B 2 8 ? 4.257   13.725  0.413   1.00 0.00 ? 17 C B "C4'"  1 
ATOM 516 O "O4'"  . C B 2 8 ? 4.051   12.336  0.103   1.00 0.00 ? 17 C B "O4'"  1 
ATOM 517 C "C3'"  . C B 2 8 ? 4.078   14.527  -0.868  1.00 0.00 ? 17 C B "C3'"  1 
ATOM 518 O "O3'"  . C B 2 8 ? 5.237   15.331  -1.117  1.00 0.00 ? 17 C B "O3'"  1 
ATOM 519 C "C2'"  . C B 2 8 ? 3.869   13.514  -1.976  1.00 0.00 ? 17 C B "C2'"  1 
ATOM 520 O "O2'"  . C B 2 8 ? 4.895   13.626  -2.967  1.00 0.00 ? 17 C B "O2'"  1 
ATOM 521 C "C1'"  . C B 2 8 ? 3.929   12.146  -1.318  1.00 0.00 ? 17 C B "C1'"  1 
ATOM 522 N N1     . C B 2 8 ? 2.755   11.303  -1.644  1.00 0.00 ? 17 C B N1     1 
ATOM 523 C C2     . C B 2 8 ? 2.619   10.842  -2.948  1.00 0.00 ? 17 C B C2     1 
ATOM 524 O O2     . C B 2 8 ? 3.440   11.137  -3.809  1.00 0.00 ? 17 C B O2     1 
ATOM 525 N N3     . C B 2 8 ? 1.568   10.038  -3.240  1.00 0.00 ? 17 C B N3     1 
ATOM 526 C C4     . C B 2 8 ? 0.689   9.692   -2.306  1.00 0.00 ? 17 C B C4     1 
ATOM 527 N N4     . C B 2 8 ? -0.326  8.883   -2.581  1.00 0.00 ? 17 C B N4     1 
ATOM 528 C C5     . C B 2 8 ? 0.819   10.155  -0.980  1.00 0.00 ? 17 C B C5     1 
ATOM 529 C C6     . C B 2 8 ? 1.852   10.954  -0.682  1.00 0.00 ? 17 C B C6     1 
ATOM 530 H "H5'"  . C B 2 8 ? 3.843   14.848  2.193   1.00 0.00 ? 17 C B "H5'"  1 
ATOM 531 H "H5''" . C B 2 8 ? 2.496   14.788  1.041   1.00 0.00 ? 17 C B "H5''" 1 
ATOM 532 H "H4'"  . C B 2 8 ? 5.279   13.855  0.767   1.00 0.00 ? 17 C B "H4'"  1 
ATOM 533 H "H3'"  . C B 2 8 ? 3.190   15.158  -0.787  1.00 0.00 ? 17 C B "H3'"  1 
ATOM 534 H "H2'"  . C B 2 8 ? 2.891   13.660  -2.430  1.00 0.00 ? 17 C B "H2'"  1 
ATOM 535 H "HO2'" . C B 2 8 ? 4.504   13.399  -3.814  1.00 0.00 ? 17 C B "HO2'" 1 
ATOM 536 H "H1'"  . C B 2 8 ? 4.818   11.641  -1.684  1.00 0.00 ? 17 C B "H1'"  1 
ATOM 537 H H41    . C B 2 8 ? -0.460  8.528   -3.517  1.00 0.00 ? 17 C B H41    1 
ATOM 538 H H42    . C B 2 8 ? -0.953  8.609   -1.839  1.00 0.00 ? 17 C B H42    1 
ATOM 539 H H5     . C B 2 8 ? 0.100   9.851   -0.242  1.00 0.00 ? 17 C B H5     1 
ATOM 540 H H6     . C B 2 8 ? 1.966   11.321  0.335   1.00 0.00 ? 17 C B H6     1 
ATOM 541 P P      . G B 2 9 ? 5.140   16.938  -1.189  1.00 0.00 ? 18 G B P      1 
ATOM 542 O OP1    . G B 2 9 ? 6.396   17.498  -0.641  1.00 0.00 ? 18 G B OP1    1 
ATOM 543 O OP2    . G B 2 9 ? 3.838   17.359  -0.623  1.00 0.00 ? 18 G B OP2    1 
ATOM 544 O "O5'"  . G B 2 9 ? 5.118   17.214  -2.776  1.00 0.00 ? 18 G B "O5'"  1 
ATOM 545 C "C5'"  . G B 2 9 ? 3.985   16.856  -3.572  1.00 0.00 ? 18 G B "C5'"  1 
ATOM 546 C "C4'"  . G B 2 9 ? 4.412   16.367  -4.954  1.00 0.00 ? 18 G B "C4'"  1 
ATOM 547 O "O4'"  . G B 2 9 ? 4.389   14.932  -5.028  1.00 0.00 ? 18 G B "O4'"  1 
ATOM 548 C "C3'"  . G B 2 9 ? 3.483   16.893  -6.037  1.00 0.00 ? 18 G B "C3'"  1 
ATOM 549 O "O3'"  . G B 2 9 ? 4.043   18.035  -6.696  1.00 0.00 ? 18 G B "O3'"  1 
ATOM 550 C "C2'"  . G B 2 9 ? 3.297   15.737  -6.994  1.00 0.00 ? 18 G B "C2'"  1 
ATOM 551 O "O2'"  . G B 2 9 ? 4.159   15.863  -8.129  1.00 0.00 ? 18 G B "O2'"  1 
ATOM 552 C "C1'"  . G B 2 9 ? 3.649   14.500  -6.184  1.00 0.00 ? 18 G B "C1'"  1 
ATOM 553 N N9     . G B 2 9 ? 2.413   13.801  -5.789  1.00 0.00 ? 18 G B N9     1 
ATOM 554 C C8     . G B 2 9 ? 1.672   13.934  -4.660  1.00 0.00 ? 18 G B C8     1 
ATOM 555 N N7     . G B 2 9 ? 0.601   13.218  -4.559  1.00 0.00 ? 18 G B N7     1 
ATOM 556 C C5     . G B 2 9 ? 0.620   12.518  -5.765  1.00 0.00 ? 18 G B C5     1 
ATOM 557 C C6     . G B 2 9 ? -0.295  11.559  -6.267  1.00 0.00 ? 18 G B C6     1 
ATOM 558 O O6     . G B 2 9 ? -1.314  11.133  -5.737  1.00 0.00 ? 18 G B O6     1 
ATOM 559 N N1     . G B 2 9 ? 0.083   11.093  -7.516  1.00 0.00 ? 18 G B N1     1 
ATOM 560 C C2     . G B 2 9 ? 1.208   11.499  -8.203  1.00 0.00 ? 18 G B C2     1 
ATOM 561 N N2     . G B 2 9 ? 1.409   10.937  -9.391  1.00 0.00 ? 18 G B N2     1 
ATOM 562 N N3     . G B 2 9 ? 2.076   12.401  -7.739  1.00 0.00 ? 18 G B N3     1 
ATOM 563 C C4     . G B 2 9 ? 1.722   12.867  -6.521  1.00 0.00 ? 18 G B C4     1 
ATOM 564 H "H5'"  . G B 2 9 ? 3.340   17.728  -3.683  1.00 0.00 ? 18 G B "H5'"  1 
ATOM 565 H "H5''" . G B 2 9 ? 3.428   16.063  -3.073  1.00 0.00 ? 18 G B "H5''" 1 
ATOM 566 H "H4'"  . G B 2 9 ? 5.425   16.713  -5.156  1.00 0.00 ? 18 G B "H4'"  1 
ATOM 567 H "H3'"  . G B 2 9 ? 2.518   17.140  -5.588  1.00 0.00 ? 18 G B "H3'"  1 
ATOM 568 H "HO3'" . G B 2 9 ? 3.415   18.754  -6.602  1.00 0.00 ? 18 G B "HO3'" 1 
ATOM 569 H "H2'"  . G B 2 9 ? 2.252   15.688  -7.309  1.00 0.00 ? 18 G B "H2'"  1 
ATOM 570 H "HO2'" . G B 2 9 ? 3.615   16.164  -8.862  1.00 0.00 ? 18 G B "HO2'" 1 
ATOM 571 H "H1'"  . G B 2 9 ? 4.264   13.829  -6.778  1.00 0.00 ? 18 G B "H1'"  1 
ATOM 572 H H8     . G B 2 9 ? 1.984   14.614  -3.867  1.00 0.00 ? 18 G B H8     1 
ATOM 573 H H1     . G B 2 9 ? -0.530  10.402  -7.937  1.00 0.00 ? 18 G B H1     1 
ATOM 574 H H21    . G B 2 9 ? 0.754   10.253  -9.743  1.00 0.00 ? 18 G B H21    1 
ATOM 575 H H22    . G B 2 9 ? 2.216   11.194  -9.940  1.00 0.00 ? 18 G B H22    1 
# 
